data_8K7Q
#
_entry.id   8K7Q
#
_cell.length_a   131.348
_cell.length_b   131.348
_cell.length_c   249.851
_cell.angle_alpha   90.00
_cell.angle_beta   90.00
_cell.angle_gamma   90.00
#
_symmetry.space_group_name_H-M   'P 41 2 2'
#
loop_
_entity.id
_entity.type
_entity.pdbx_description
1 polymer 'Lipase 2'
2 non-polymer 'FORMIC ACID'
3 non-polymer 'OCTANOIC ACID (CAPRYLIC ACID)'
4 non-polymer 'PROPANOIC ACID'
5 non-polymer 'ACETIC ACID'
6 non-polymer 'Petroselinic acid'
7 non-polymer 'LAURIC ACID'
8 non-polymer 'HEXANOIC ACID'
9 non-polymer 'CHLORIDE ION'
10 non-polymer 'MAGNESIUM ION'
11 non-polymer 'ZINC ION'
12 non-polymer 'CALCIUM ION'
13 non-polymer GLYCEROL
14 non-polymer 'butanoic acid'
15 water water
#
_entity_poly.entity_id   1
_entity_poly.type   'polypeptide(L)'
_entity_poly.pdbx_seq_one_letter_code
;MNHKVHHHHHHMKANQVQPLNKYPVVFVHGFLGLVGDNAPALYPNYWGGNKFKVIEELRKQGYNVHQASVSAFGSNYDRA
VQLYYYIKGGRVDYGAAHAAKYGHERYGKTYKGIMPNWEPGKKVHLVGHAMGGQTIRLMEEFLRNGNKEEIAYHQAHGGE
ISPLFTGGHNNMVASITTLATPHNGSQAADKFGNTEAVRKIMFALNRFMGNKYSNIDLGLTQWGFKQLPNESYIDYIKRV
SKSKIWTSDDNAAYDLTLDGSAKLNNMTSMNPNITYTTYTGVSSHTGPLGYENPDLGTFFLMDTTSRIIGHDAREEWRKN
DGVVPVISSLHPSNQPFVNVTNNEPATRRGIWQVKPILQGWDHVDFIGVDFLDFKRKGSELANFYIGIINDLLSVEATEG
KGTQLKAS
;
_entity_poly.pdbx_strand_id   A,B
#
loop_
_chem_comp.id
_chem_comp.type
_chem_comp.name
_chem_comp.formula
4I1 non-polymer 'Petroselinic acid' 'C18 H34 O2'
6NA non-polymer 'HEXANOIC ACID' 'C6 H12 O2'
ACY non-polymer 'ACETIC ACID' 'C2 H4 O2'
BUA non-polymer 'butanoic acid' 'C4 H8 O2'
CA non-polymer 'CALCIUM ION' 'Ca 2'
CL non-polymer 'CHLORIDE ION' 'Cl -1'
DAO non-polymer 'LAURIC ACID' 'C12 H24 O2'
FMT non-polymer 'FORMIC ACID' 'C H2 O2'
GOL non-polymer GLYCEROL 'C3 H8 O3'
MG non-polymer 'MAGNESIUM ION' 'Mg 2'
OCA non-polymer 'OCTANOIC ACID (CAPRYLIC ACID)' 'C8 H16 O2'
PPI non-polymer 'PROPANOIC ACID' 'C3 H6 O2'
ZN non-polymer 'ZINC ION' 'Zn 2'
#
# COMPACT_ATOMS: atom_id res chain seq x y z
N GLN A 18 22.79 15.93 32.73
CA GLN A 18 22.92 14.69 31.91
C GLN A 18 22.55 14.97 30.45
N PRO A 19 21.27 15.29 30.07
CA PRO A 19 20.91 15.46 28.66
C PRO A 19 21.60 16.67 28.03
N LEU A 20 21.91 16.59 26.73
CA LEU A 20 22.53 17.68 26.00
C LEU A 20 21.65 18.93 25.99
N ASN A 21 20.32 18.76 25.92
CA ASN A 21 19.37 19.86 25.91
C ASN A 21 18.89 20.06 27.35
N LYS A 22 18.87 21.32 27.79
CA LYS A 22 18.52 21.61 29.17
C LYS A 22 16.99 21.63 29.31
N TYR A 23 16.25 21.83 28.21
CA TYR A 23 14.81 21.77 28.32
C TYR A 23 14.30 20.59 27.50
N PRO A 24 13.39 19.77 28.07
CA PRO A 24 12.86 18.62 27.36
C PRO A 24 12.20 19.06 26.06
N VAL A 25 12.33 18.21 25.03
CA VAL A 25 11.64 18.40 23.76
C VAL A 25 10.39 17.50 23.73
N VAL A 26 9.22 18.10 23.48
CA VAL A 26 7.99 17.35 23.36
C VAL A 26 7.51 17.46 21.93
N PHE A 27 7.42 16.31 21.25
CA PHE A 27 6.89 16.23 19.90
C PHE A 27 5.40 15.92 19.97
N VAL A 28 4.61 16.72 19.21
CA VAL A 28 3.17 16.66 19.31
C VAL A 28 2.59 16.31 17.96
N HIS A 29 1.93 15.14 17.87
CA HIS A 29 1.43 14.60 16.62
C HIS A 29 0.21 15.41 16.14
N GLY A 30 -0.17 15.24 14.86
CA GLY A 30 -1.35 15.92 14.37
C GLY A 30 -2.63 15.07 14.44
N PHE A 31 -3.55 15.35 13.53
CA PHE A 31 -4.84 14.72 13.36
C PHE A 31 -4.59 13.28 12.93
N LEU A 32 -5.35 12.33 13.49
CA LEU A 32 -5.26 10.91 13.09
C LEU A 32 -4.06 10.23 13.75
N GLY A 33 -3.13 10.98 14.36
CA GLY A 33 -1.92 10.37 14.89
C GLY A 33 -2.16 9.56 16.16
N LEU A 34 -1.61 8.33 16.18
CA LEU A 34 -1.58 7.50 17.37
C LEU A 34 -0.13 7.15 17.67
N VAL A 35 0.27 7.21 18.93
CA VAL A 35 1.67 6.93 19.22
C VAL A 35 1.79 5.91 20.35
N GLY A 36 2.98 5.29 20.48
CA GLY A 36 3.34 4.50 21.65
C GLY A 36 2.44 3.27 21.83
N ASP A 37 1.95 3.07 23.05
CA ASP A 37 1.11 1.95 23.42
C ASP A 37 -0.28 2.04 22.77
N ASN A 38 -0.65 3.27 22.39
CA ASN A 38 -1.97 3.60 21.87
C ASN A 38 -2.06 3.34 20.36
N ALA A 39 -0.98 2.82 19.76
CA ALA A 39 -1.05 2.57 18.33
C ALA A 39 -1.49 1.14 18.10
N PRO A 40 -2.35 0.90 17.08
CA PRO A 40 -2.84 -0.44 16.76
C PRO A 40 -1.71 -1.44 16.59
N ALA A 41 -2.08 -2.73 16.69
CA ALA A 41 -1.18 -3.87 16.58
C ALA A 41 -0.20 -3.73 15.39
N LEU A 42 -0.70 -3.32 14.20
CA LEU A 42 0.11 -2.94 13.05
C LEU A 42 -0.23 -1.50 12.74
N TYR A 43 0.75 -0.60 12.71
CA TYR A 43 0.46 0.80 12.44
C TYR A 43 1.80 1.49 12.31
N PRO A 44 1.96 2.56 11.49
CA PRO A 44 3.26 3.21 11.30
C PRO A 44 3.77 3.76 12.61
N ASN A 45 5.09 3.82 12.76
CA ASN A 45 5.69 4.59 13.82
C ASN A 45 5.57 6.07 13.44
N TYR A 46 4.79 6.84 14.21
CA TYR A 46 4.42 8.21 13.82
C TYR A 46 5.66 9.07 13.58
N TRP A 47 6.52 9.13 14.59
CA TRP A 47 7.67 10.02 14.54
C TRP A 47 8.85 9.35 13.85
N GLY A 48 8.82 9.37 12.50
CA GLY A 48 10.00 8.96 11.74
C GLY A 48 9.79 7.69 10.92
N GLY A 49 8.62 7.03 11.06
CA GLY A 49 8.37 5.81 10.32
C GLY A 49 9.46 4.77 10.59
N ASN A 50 9.94 4.12 9.51
CA ASN A 50 11.14 3.28 9.56
C ASN A 50 12.36 4.02 9.03
N LYS A 51 12.22 5.31 8.70
CA LYS A 51 13.31 6.06 8.08
C LYS A 51 14.24 6.63 9.14
N PHE A 52 13.70 7.23 10.20
CA PHE A 52 14.53 7.76 11.26
C PHE A 52 13.71 7.79 12.54
N LYS A 53 14.02 6.87 13.46
CA LYS A 53 13.23 6.72 14.67
C LYS A 53 13.53 7.87 15.61
N VAL A 54 12.71 8.93 15.50
CA VAL A 54 13.04 10.21 16.13
C VAL A 54 13.30 10.04 17.62
N ILE A 55 12.37 9.41 18.35
CA ILE A 55 12.50 9.37 19.80
C ILE A 55 13.72 8.53 20.22
N GLU A 56 13.81 7.33 19.65
CA GLU A 56 14.83 6.37 20.03
C GLU A 56 16.23 6.91 19.65
N GLU A 57 16.37 7.45 18.43
CA GLU A 57 17.66 7.88 17.92
C GLU A 57 18.14 9.15 18.63
N LEU A 58 17.24 10.13 18.82
CA LEU A 58 17.64 11.33 19.54
C LEU A 58 18.04 10.99 20.97
N ARG A 59 17.36 10.01 21.59
CA ARG A 59 17.72 9.64 22.95
C ARG A 59 19.12 9.02 22.97
N LYS A 60 19.38 8.14 21.98
CA LYS A 60 20.70 7.52 21.85
C LYS A 60 21.79 8.58 21.77
N GLN A 61 21.51 9.73 21.16
CA GLN A 61 22.51 10.77 20.94
C GLN A 61 22.61 11.68 22.16
N GLY A 62 21.84 11.36 23.21
CA GLY A 62 21.93 12.10 24.47
C GLY A 62 20.92 13.24 24.62
N TYR A 63 19.86 13.29 23.80
CA TYR A 63 18.83 14.32 23.97
C TYR A 63 17.64 13.77 24.77
N ASN A 64 17.05 14.66 25.58
CA ASN A 64 15.86 14.34 26.35
C ASN A 64 14.62 14.74 25.54
N VAL A 65 13.96 13.74 24.93
CA VAL A 65 12.85 14.00 24.01
C VAL A 65 11.69 13.06 24.36
N HIS A 66 10.46 13.47 24.00
CA HIS A 66 9.25 12.70 24.26
C HIS A 66 8.24 12.88 23.13
N GLN A 67 7.36 11.89 22.96
CA GLN A 67 6.24 12.05 22.05
C GLN A 67 4.95 12.13 22.87
N ALA A 68 4.25 13.26 22.76
CA ALA A 68 2.98 13.41 23.45
C ALA A 68 1.97 12.46 22.82
N SER A 69 0.97 12.10 23.62
CA SER A 69 -0.17 11.33 23.18
C SER A 69 -1.43 12.13 23.52
N VAL A 70 -2.11 12.67 22.50
CA VAL A 70 -3.32 13.45 22.75
C VAL A 70 -4.36 13.01 21.73
N SER A 71 -5.60 13.44 21.94
CA SER A 71 -6.73 13.05 21.10
C SER A 71 -6.42 13.12 19.60
N ALA A 72 -6.72 12.05 18.87
CA ALA A 72 -6.44 11.99 17.44
C ALA A 72 -7.54 12.68 16.63
N PHE A 73 -8.76 12.75 17.17
CA PHE A 73 -9.90 13.24 16.43
C PHE A 73 -10.52 14.50 17.09
N GLY A 74 -10.04 14.85 18.29
CA GLY A 74 -10.68 15.92 19.03
C GLY A 74 -10.26 17.32 18.55
N SER A 75 -10.87 18.34 19.14
CA SER A 75 -10.60 19.73 18.82
C SER A 75 -9.20 20.11 19.30
N ASN A 76 -8.69 21.22 18.75
CA ASN A 76 -7.48 21.82 19.28
C ASN A 76 -7.64 22.09 20.77
N TYR A 77 -8.85 22.54 21.14
CA TYR A 77 -9.08 22.80 22.56
C TYR A 77 -8.86 21.53 23.38
N ASP A 78 -9.57 20.46 23.04
CA ASP A 78 -9.48 19.24 23.85
C ASP A 78 -8.01 18.76 23.90
N ARG A 79 -7.35 18.81 22.73
CA ARG A 79 -5.98 18.35 22.57
C ARG A 79 -5.02 19.21 23.40
N ALA A 80 -5.29 20.53 23.45
CA ALA A 80 -4.36 21.40 24.18
C ALA A 80 -4.45 21.11 25.67
N VAL A 81 -5.68 20.82 26.14
CA VAL A 81 -5.87 20.50 27.55
C VAL A 81 -5.10 19.20 27.83
N GLN A 82 -5.28 18.21 26.95
CA GLN A 82 -4.64 16.91 27.12
C GLN A 82 -3.11 17.06 27.10
N LEU A 83 -2.60 17.94 26.21
CA LEU A 83 -1.15 18.16 26.11
C LEU A 83 -0.63 18.64 27.46
N TYR A 84 -1.34 19.62 28.02
CA TYR A 84 -0.98 20.15 29.33
C TYR A 84 -0.84 19.01 30.35
N TYR A 85 -1.86 18.13 30.44
CA TYR A 85 -1.82 17.07 31.43
C TYR A 85 -0.84 15.96 31.05
N TYR A 86 -0.63 15.72 29.75
CA TYR A 86 0.42 14.82 29.33
C TYR A 86 1.77 15.27 29.92
N ILE A 87 2.00 16.59 29.95
CA ILE A 87 3.30 17.06 30.38
C ILE A 87 3.33 17.08 31.90
N LYS A 88 2.34 17.75 32.49
CA LYS A 88 2.32 18.04 33.91
C LYS A 88 1.97 16.79 34.72
N GLY A 89 1.09 15.94 34.18
CA GLY A 89 0.50 14.84 34.92
C GLY A 89 -0.85 15.24 35.51
N GLY A 90 -1.74 14.26 35.76
CA GLY A 90 -2.99 14.52 36.44
C GLY A 90 -4.20 14.21 35.56
N ARG A 91 -5.39 14.44 36.14
CA ARG A 91 -6.65 14.15 35.47
C ARG A 91 -7.04 15.31 34.55
N VAL A 92 -7.30 14.99 33.27
CA VAL A 92 -7.66 15.98 32.28
C VAL A 92 -8.94 16.69 32.74
N ASP A 93 -8.91 18.02 32.73
CA ASP A 93 -10.09 18.81 33.05
C ASP A 93 -10.30 19.81 31.91
N TYR A 94 -11.32 19.57 31.09
CA TYR A 94 -11.61 20.39 29.92
C TYR A 94 -12.30 21.70 30.33
N GLY A 95 -12.66 21.83 31.61
CA GLY A 95 -13.32 23.03 32.11
C GLY A 95 -14.83 22.86 32.16
N ALA A 96 -15.46 23.34 33.25
CA ALA A 96 -16.91 23.20 33.44
C ALA A 96 -17.68 23.94 32.33
N ALA A 97 -17.25 25.17 31.98
CA ALA A 97 -17.97 25.98 31.00
C ALA A 97 -17.90 25.32 29.64
N HIS A 98 -16.70 24.86 29.26
CA HIS A 98 -16.52 24.22 27.96
C HIS A 98 -17.37 22.95 27.90
N ALA A 99 -17.28 22.12 28.93
CA ALA A 99 -18.04 20.85 28.99
C ALA A 99 -19.55 21.10 28.83
N ALA A 100 -20.06 22.08 29.60
CA ALA A 100 -21.47 22.47 29.56
C ALA A 100 -21.81 23.05 28.18
N LYS A 101 -20.95 23.89 27.61
CA LYS A 101 -21.27 24.45 26.31
C LYS A 101 -21.36 23.37 25.23
N TYR A 102 -20.40 22.43 25.19
CA TYR A 102 -20.31 21.59 24.00
C TYR A 102 -21.02 20.24 24.21
N GLY A 103 -21.23 19.89 25.48
CA GLY A 103 -21.99 18.70 25.83
C GLY A 103 -21.11 17.44 25.89
N HIS A 104 -19.92 17.54 26.51
CA HIS A 104 -19.14 16.34 26.72
C HIS A 104 -18.67 16.33 28.16
N GLU A 105 -18.02 15.26 28.57
CA GLU A 105 -17.62 15.17 29.97
C GLU A 105 -16.64 16.29 30.28
N ARG A 106 -16.60 16.69 31.54
CA ARG A 106 -15.66 17.69 31.97
C ARG A 106 -14.28 17.04 32.14
N TYR A 107 -14.26 15.82 32.68
CA TYR A 107 -13.04 15.13 33.07
C TYR A 107 -12.77 14.02 32.08
N GLY A 108 -11.49 13.84 31.77
CA GLY A 108 -11.08 12.81 30.83
C GLY A 108 -10.08 11.87 31.50
N LYS A 109 -9.10 11.41 30.71
CA LYS A 109 -8.14 10.42 31.16
C LYS A 109 -7.18 11.05 32.16
N THR A 110 -6.40 10.20 32.83
CA THR A 110 -5.42 10.76 33.73
C THR A 110 -4.04 10.36 33.23
N TYR A 111 -3.11 11.31 33.23
CA TYR A 111 -1.79 11.05 32.71
C TYR A 111 -0.81 10.97 33.87
N LYS A 112 0.19 10.09 33.73
CA LYS A 112 1.28 10.00 34.69
C LYS A 112 1.99 11.35 34.75
N GLY A 113 2.23 11.96 33.58
CA GLY A 113 2.98 13.21 33.56
C GLY A 113 4.45 12.93 33.32
N ILE A 114 5.03 13.68 32.39
CA ILE A 114 6.41 13.49 31.96
C ILE A 114 7.30 14.45 32.76
N MET A 115 6.74 15.58 33.21
CA MET A 115 7.49 16.55 33.99
C MET A 115 6.60 17.04 35.12
N PRO A 116 6.43 16.25 36.19
CA PRO A 116 5.46 16.61 37.23
C PRO A 116 5.79 17.95 37.91
N ASN A 117 7.04 18.41 37.75
CA ASN A 117 7.51 19.65 38.36
C ASN A 117 7.46 20.83 37.38
N TRP A 118 6.73 20.66 36.27
CA TRP A 118 6.64 21.72 35.27
C TRP A 118 5.91 22.91 35.88
N GLU A 119 6.58 24.07 35.79
CA GLU A 119 6.17 25.30 36.44
C GLU A 119 7.08 26.40 35.88
N PRO A 120 6.73 27.70 36.09
CA PRO A 120 7.57 28.80 35.62
C PRO A 120 9.03 28.57 35.99
N GLY A 121 9.92 28.65 35.01
CA GLY A 121 11.33 28.40 35.26
C GLY A 121 11.79 27.09 34.62
N LYS A 122 10.92 26.08 34.62
CA LYS A 122 11.28 24.83 33.97
C LYS A 122 10.61 24.80 32.61
N LYS A 123 11.39 25.04 31.56
CA LYS A 123 10.79 25.22 30.26
C LYS A 123 10.78 23.91 29.47
N VAL A 124 10.00 23.91 28.41
CA VAL A 124 9.93 22.79 27.49
C VAL A 124 10.01 23.34 26.06
N HIS A 125 10.64 22.60 25.13
CA HIS A 125 10.52 22.91 23.72
C HIS A 125 9.36 22.12 23.13
N LEU A 126 8.50 22.80 22.33
CA LEU A 126 7.35 22.15 21.72
C LEU A 126 7.50 22.09 20.22
N VAL A 127 7.46 20.87 19.65
CA VAL A 127 7.45 20.76 18.21
C VAL A 127 6.23 19.95 17.75
N GLY A 128 5.45 20.59 16.88
CA GLY A 128 4.19 20.05 16.43
C GLY A 128 4.28 19.68 14.96
N HIS A 129 3.79 18.47 14.62
CA HIS A 129 3.59 18.15 13.22
C HIS A 129 2.11 18.42 12.93
N ALA A 130 1.89 19.18 11.86
CA ALA A 130 0.56 19.39 11.32
C ALA A 130 -0.32 20.00 12.42
N MET A 131 -1.50 19.40 12.66
CA MET A 131 -2.40 19.91 13.69
C MET A 131 -1.69 20.08 15.03
N GLY A 132 -0.64 19.27 15.29
CA GLY A 132 0.04 19.44 16.58
C GLY A 132 0.58 20.87 16.77
N GLY A 133 0.89 21.55 15.66
CA GLY A 133 1.39 22.91 15.70
C GLY A 133 0.33 23.90 16.21
N GLN A 134 -0.93 23.62 15.89
CA GLN A 134 -2.04 24.44 16.39
C GLN A 134 -2.29 24.12 17.85
N THR A 135 -2.19 22.84 18.21
CA THR A 135 -2.50 22.43 19.58
C THR A 135 -1.52 23.11 20.54
N ILE A 136 -0.27 23.18 20.12
CA ILE A 136 0.79 23.76 20.92
C ILE A 136 0.52 25.26 21.13
N ARG A 137 0.09 25.96 20.07
CA ARG A 137 -0.23 27.38 20.19
C ARG A 137 -1.34 27.59 21.21
N LEU A 138 -2.39 26.74 21.17
CA LEU A 138 -3.51 26.95 22.07
C LEU A 138 -3.08 26.71 23.50
N MET A 139 -2.25 25.68 23.74
CA MET A 139 -1.93 25.37 25.13
C MET A 139 -1.17 26.56 25.73
N GLU A 140 -0.24 27.13 24.96
CA GLU A 140 0.55 28.26 25.45
C GLU A 140 -0.38 29.45 25.73
N GLU A 141 -1.38 29.65 24.85
CA GLU A 141 -2.41 30.64 25.07
C GLU A 141 -3.05 30.48 26.44
N PHE A 142 -3.39 29.23 26.81
CA PHE A 142 -4.02 28.98 28.10
C PHE A 142 -3.06 29.27 29.27
N LEU A 143 -1.80 28.84 29.14
CA LEU A 143 -0.86 29.05 30.23
C LEU A 143 -0.74 30.55 30.51
N ARG A 144 -0.57 31.35 29.44
CA ARG A 144 -0.29 32.77 29.57
C ARG A 144 -1.55 33.56 29.95
N ASN A 145 -2.66 33.32 29.24
CA ASN A 145 -3.83 34.18 29.33
C ASN A 145 -5.01 33.48 30.00
N GLY A 146 -4.90 32.16 30.26
CA GLY A 146 -6.00 31.41 30.82
C GLY A 146 -7.15 31.28 29.84
N ASN A 147 -8.34 30.95 30.35
CA ASN A 147 -9.51 30.74 29.50
C ASN A 147 -10.64 31.55 30.13
N LYS A 148 -11.08 32.59 29.43
CA LYS A 148 -11.92 33.60 30.07
C LYS A 148 -13.26 33.01 30.49
N GLU A 149 -13.85 32.17 29.64
CA GLU A 149 -15.13 31.53 29.95
C GLU A 149 -15.03 30.69 31.23
N GLU A 150 -13.89 30.04 31.45
CA GLU A 150 -13.72 29.23 32.65
C GLU A 150 -13.45 30.13 33.85
N ILE A 151 -12.66 31.21 33.67
CA ILE A 151 -12.42 32.14 34.78
C ILE A 151 -13.75 32.73 35.25
N ALA A 152 -14.57 33.19 34.29
CA ALA A 152 -15.88 33.77 34.54
C ALA A 152 -16.81 32.74 35.22
N TYR A 153 -16.82 31.52 34.69
CA TYR A 153 -17.69 30.48 35.24
C TYR A 153 -17.36 30.22 36.71
N HIS A 154 -16.07 30.14 37.04
CA HIS A 154 -15.64 29.83 38.39
C HIS A 154 -15.88 31.02 39.33
N GLN A 155 -15.75 32.24 38.78
CA GLN A 155 -16.15 33.47 39.46
C GLN A 155 -17.61 33.38 39.91
N ALA A 156 -18.49 33.07 38.96
CA ALA A 156 -19.92 33.04 39.17
C ALA A 156 -20.35 31.86 40.05
N HIS A 157 -19.71 30.69 39.90
CA HIS A 157 -20.33 29.49 40.45
C HIS A 157 -19.45 28.81 41.50
N GLY A 158 -18.28 29.37 41.82
CA GLY A 158 -17.32 28.70 42.71
C GLY A 158 -16.77 27.40 42.09
N GLY A 159 -16.34 26.46 42.94
CA GLY A 159 -15.78 25.19 42.50
C GLY A 159 -14.25 25.28 42.38
N GLU A 160 -13.65 24.33 41.67
CA GLU A 160 -12.23 24.42 41.36
C GLU A 160 -12.08 24.75 39.89
N ILE A 161 -11.02 25.51 39.58
CA ILE A 161 -10.67 25.80 38.20
C ILE A 161 -9.29 25.22 37.98
N SER A 162 -9.07 24.55 36.84
CA SER A 162 -7.74 24.04 36.50
C SER A 162 -6.71 25.17 36.49
N PRO A 163 -5.47 24.97 36.99
CA PRO A 163 -4.44 25.99 36.84
C PRO A 163 -4.15 26.32 35.37
N LEU A 164 -4.52 25.42 34.44
CA LEU A 164 -4.33 25.67 33.03
C LEU A 164 -5.16 26.87 32.58
N PHE A 165 -6.28 27.15 33.25
CA PHE A 165 -7.27 28.09 32.74
C PHE A 165 -7.20 29.47 33.42
N THR A 166 -6.32 29.61 34.41
CA THR A 166 -6.16 30.76 35.29
C THR A 166 -5.44 31.89 34.58
N GLY A 167 -4.40 31.54 33.82
CA GLY A 167 -3.53 32.54 33.22
C GLY A 167 -2.37 32.88 34.18
N GLY A 168 -1.36 33.59 33.65
CA GLY A 168 -0.23 34.06 34.46
C GLY A 168 0.87 33.03 34.59
N HIS A 169 0.83 31.96 33.79
CA HIS A 169 1.88 30.94 33.87
C HIS A 169 2.84 31.14 32.69
N ASN A 170 4.00 31.77 32.96
CA ASN A 170 4.95 32.05 31.90
C ASN A 170 6.26 31.33 32.15
N ASN A 171 7.22 31.51 31.23
CA ASN A 171 8.51 30.87 31.38
C ASN A 171 8.34 29.36 31.51
N MET A 172 7.42 28.80 30.72
CA MET A 172 7.18 27.37 30.73
C MET A 172 7.45 26.78 29.34
N VAL A 173 7.36 27.61 28.30
CA VAL A 173 7.69 27.14 26.97
C VAL A 173 8.76 28.00 26.30
N ALA A 174 9.85 27.34 25.86
CA ALA A 174 11.00 27.97 25.27
C ALA A 174 10.75 28.24 23.78
N SER A 175 10.02 27.34 23.12
CA SER A 175 9.99 27.36 21.66
C SER A 175 8.77 26.63 21.12
N ILE A 176 8.32 27.13 19.96
CA ILE A 176 7.24 26.51 19.23
C ILE A 176 7.73 26.33 17.82
N THR A 177 7.80 25.07 17.40
CA THR A 177 8.24 24.74 16.05
C THR A 177 7.16 23.89 15.39
N THR A 178 6.79 24.26 14.15
CA THR A 178 5.66 23.64 13.47
C THR A 178 6.16 23.08 12.15
N LEU A 179 5.69 21.86 11.83
CA LEU A 179 6.05 21.18 10.60
C LEU A 179 4.76 20.91 9.85
N ALA A 180 4.58 21.58 8.70
CA ALA A 180 3.43 21.34 7.83
C ALA A 180 2.13 21.57 8.62
N THR A 181 2.15 22.53 9.55
CA THR A 181 0.98 22.88 10.33
C THR A 181 0.00 23.69 9.51
N PRO A 182 -1.31 23.32 9.43
CA PRO A 182 -2.31 24.16 8.75
C PRO A 182 -2.74 25.37 9.61
N HIS A 183 -1.81 26.30 9.83
CA HIS A 183 -2.09 27.47 10.66
C HIS A 183 -3.32 28.23 10.16
N ASN A 184 -3.55 28.19 8.82
CA ASN A 184 -4.69 28.89 8.26
C ASN A 184 -5.72 27.92 7.70
N GLY A 185 -5.67 26.64 8.13
CA GLY A 185 -6.73 25.70 7.76
C GLY A 185 -6.40 25.02 6.44
N SER A 186 -7.28 24.15 5.96
CA SER A 186 -7.02 23.47 4.69
C SER A 186 -8.36 23.25 4.01
N GLN A 187 -8.36 23.42 2.68
CA GLN A 187 -9.58 23.20 1.92
C GLN A 187 -9.92 21.71 1.96
N ALA A 188 -8.93 20.86 2.26
CA ALA A 188 -9.18 19.43 2.32
C ALA A 188 -10.11 19.13 3.51
N ALA A 189 -10.07 20.00 4.53
CA ALA A 189 -11.04 19.91 5.61
C ALA A 189 -12.38 20.49 5.17
N ASP A 190 -12.38 21.73 4.64
CA ASP A 190 -13.63 22.38 4.27
C ASP A 190 -14.40 21.51 3.28
N LYS A 191 -13.69 20.94 2.29
CA LYS A 191 -14.43 20.32 1.21
C LYS A 191 -14.45 18.80 1.32
N PHE A 192 -13.86 18.21 2.37
CA PHE A 192 -13.87 16.76 2.50
C PHE A 192 -13.96 16.35 3.98
N GLY A 193 -12.93 16.66 4.74
CA GLY A 193 -12.81 16.20 6.13
C GLY A 193 -13.99 16.60 7.00
N ASN A 194 -14.54 17.80 6.75
CA ASN A 194 -15.57 18.34 7.62
C ASN A 194 -16.96 18.18 7.00
N THR A 195 -17.06 17.54 5.83
CA THR A 195 -18.40 17.29 5.28
C THR A 195 -19.13 16.29 6.18
N GLU A 196 -20.46 16.35 6.14
CA GLU A 196 -21.29 15.47 6.96
C GLU A 196 -20.96 14.01 6.71
N ALA A 197 -20.90 13.60 5.45
CA ALA A 197 -20.60 12.21 5.12
C ALA A 197 -19.32 11.74 5.82
N VAL A 198 -18.26 12.56 5.81
CA VAL A 198 -17.02 12.05 6.35
C VAL A 198 -16.88 12.20 7.86
N ARG A 199 -17.51 13.21 8.45
CA ARG A 199 -17.64 13.22 9.91
C ARG A 199 -18.32 11.93 10.37
N LYS A 200 -19.36 11.47 9.66
CA LYS A 200 -20.05 10.25 10.07
C LYS A 200 -19.11 9.03 10.05
N ILE A 201 -18.31 8.91 8.99
CA ILE A 201 -17.31 7.86 8.91
C ILE A 201 -16.40 7.91 10.14
N MET A 202 -15.88 9.10 10.47
CA MET A 202 -14.90 9.27 11.52
C MET A 202 -15.53 8.91 12.86
N PHE A 203 -16.75 9.41 13.07
CA PHE A 203 -17.41 9.19 14.35
C PHE A 203 -17.79 7.72 14.50
N ALA A 204 -18.14 7.07 13.38
CA ALA A 204 -18.44 5.63 13.46
C ALA A 204 -17.19 4.83 13.85
N LEU A 205 -16.00 5.19 13.29
CA LEU A 205 -14.73 4.56 13.62
C LEU A 205 -14.50 4.74 15.12
N ASN A 206 -14.77 5.95 15.61
CA ASN A 206 -14.56 6.27 17.01
C ASN A 206 -15.50 5.44 17.88
N ARG A 207 -16.77 5.30 17.46
CA ARG A 207 -17.73 4.47 18.19
C ARG A 207 -17.18 3.04 18.27
N PHE A 208 -16.82 2.48 17.10
CA PHE A 208 -16.29 1.13 17.03
C PHE A 208 -15.06 0.96 17.92
N MET A 209 -14.09 1.88 17.83
CA MET A 209 -12.88 1.64 18.59
C MET A 209 -13.10 1.98 20.06
N GLY A 210 -14.32 2.37 20.43
CA GLY A 210 -14.68 2.46 21.83
C GLY A 210 -15.26 1.15 22.39
N ASN A 211 -15.35 0.10 21.56
CA ASN A 211 -15.99 -1.15 21.99
C ASN A 211 -15.23 -1.75 23.19
N LYS A 212 -15.91 -2.63 23.93
CA LYS A 212 -15.41 -3.09 25.22
C LYS A 212 -14.18 -4.00 25.06
N TYR A 213 -13.83 -4.44 23.84
CA TYR A 213 -12.60 -5.20 23.61
C TYR A 213 -11.49 -4.34 23.00
N SER A 214 -11.70 -3.01 22.93
CA SER A 214 -10.69 -2.18 22.28
C SER A 214 -9.66 -1.70 23.28
N ASN A 215 -8.40 -1.75 22.84
CA ASN A 215 -7.29 -1.24 23.63
C ASN A 215 -6.79 0.09 23.06
N ILE A 216 -7.47 0.65 22.06
CA ILE A 216 -6.96 1.89 21.51
C ILE A 216 -7.98 3.03 21.60
N ASP A 217 -7.46 4.20 22.00
CA ASP A 217 -8.21 5.39 22.31
C ASP A 217 -8.01 6.44 21.21
N LEU A 218 -9.04 6.69 20.41
CA LEU A 218 -8.95 7.56 19.25
C LEU A 218 -9.25 9.00 19.62
N GLY A 219 -9.65 9.23 20.88
CA GLY A 219 -9.59 10.55 21.47
C GLY A 219 -10.93 11.26 21.59
N LEU A 220 -12.04 10.50 21.49
CA LEU A 220 -13.37 11.08 21.63
C LEU A 220 -14.15 10.41 22.75
N THR A 221 -13.48 9.79 23.73
CA THR A 221 -14.23 9.08 24.76
C THR A 221 -15.02 10.06 25.62
N GLN A 222 -14.59 11.34 25.70
CA GLN A 222 -15.30 12.32 26.52
C GLN A 222 -16.72 12.57 25.95
N TRP A 223 -16.97 12.13 24.71
CA TRP A 223 -18.27 12.27 24.07
C TRP A 223 -19.16 11.03 24.30
N GLY A 224 -18.69 10.06 25.08
CA GLY A 224 -19.46 8.86 25.36
C GLY A 224 -18.96 7.60 24.64
N PHE A 225 -17.95 7.71 23.76
CA PHE A 225 -17.54 6.60 22.91
C PHE A 225 -16.67 5.57 23.64
N LYS A 226 -17.15 5.07 24.78
CA LYS A 226 -16.57 3.92 25.45
C LYS A 226 -17.73 2.98 25.80
N GLN A 227 -17.78 1.78 25.22
CA GLN A 227 -18.80 0.80 25.59
C GLN A 227 -18.50 0.27 27.00
N LEU A 228 -19.50 0.22 27.88
CA LEU A 228 -19.35 -0.34 29.23
C LEU A 228 -19.24 -1.87 29.17
N PRO A 229 -18.58 -2.51 30.16
CA PRO A 229 -18.36 -3.96 30.10
C PRO A 229 -19.61 -4.82 29.93
N ASN A 230 -20.74 -4.41 30.54
CA ASN A 230 -21.98 -5.18 30.44
C ASN A 230 -23.01 -4.54 29.52
N GLU A 231 -22.61 -3.53 28.74
CA GLU A 231 -23.53 -2.91 27.79
C GLU A 231 -23.47 -3.68 26.48
N SER A 232 -24.63 -4.02 25.89
CA SER A 232 -24.60 -4.61 24.56
C SER A 232 -24.21 -3.55 23.52
N TYR A 233 -23.72 -4.01 22.36
CA TYR A 233 -23.36 -3.13 21.27
C TYR A 233 -24.58 -2.32 20.81
N ILE A 234 -25.73 -2.99 20.74
CA ILE A 234 -27.00 -2.38 20.39
C ILE A 234 -27.28 -1.20 21.30
N ASP A 235 -27.12 -1.39 22.62
CA ASP A 235 -27.43 -0.35 23.58
C ASP A 235 -26.38 0.76 23.48
N TYR A 236 -25.13 0.37 23.19
CA TYR A 236 -24.05 1.31 23.03
C TYR A 236 -24.39 2.24 21.87
N ILE A 237 -24.74 1.65 20.71
CA ILE A 237 -25.10 2.44 19.54
C ILE A 237 -26.17 3.46 19.92
N LYS A 238 -27.21 2.96 20.61
CA LYS A 238 -28.35 3.80 20.95
C LYS A 238 -27.91 4.93 21.88
N ARG A 239 -27.08 4.63 22.87
CA ARG A 239 -26.67 5.65 23.81
C ARG A 239 -25.85 6.75 23.11
N VAL A 240 -24.87 6.36 22.29
CA VAL A 240 -23.96 7.38 21.78
C VAL A 240 -24.56 8.14 20.62
N SER A 241 -25.65 7.64 20.02
CA SER A 241 -26.32 8.40 18.98
C SER A 241 -26.96 9.66 19.53
N LYS A 242 -27.07 9.75 20.86
CA LYS A 242 -27.63 10.95 21.48
C LYS A 242 -26.52 11.96 21.75
N SER A 243 -25.25 11.56 21.61
CA SER A 243 -24.16 12.48 21.91
C SER A 243 -24.23 13.72 21.00
N LYS A 244 -23.73 14.85 21.50
CA LYS A 244 -23.67 16.06 20.69
C LYS A 244 -22.53 16.01 19.68
N ILE A 245 -21.65 14.99 19.74
CA ILE A 245 -20.48 14.93 18.88
C ILE A 245 -20.93 15.05 17.43
N TRP A 246 -22.06 14.39 17.09
CA TRP A 246 -22.49 14.27 15.70
C TRP A 246 -22.72 15.62 15.01
N THR A 247 -23.04 16.67 15.78
CA THR A 247 -23.35 17.97 15.20
C THR A 247 -22.42 19.05 15.77
N SER A 248 -21.46 18.66 16.60
CA SER A 248 -20.63 19.67 17.24
C SER A 248 -19.53 20.18 16.32
N ASP A 249 -19.02 21.36 16.65
CA ASP A 249 -17.85 21.90 15.94
C ASP A 249 -16.64 21.71 16.87
N ASP A 250 -16.87 21.17 18.08
CA ASP A 250 -15.76 20.89 18.97
C ASP A 250 -15.10 19.56 18.56
N ASN A 251 -14.56 19.52 17.34
CA ASN A 251 -13.79 18.37 16.86
C ASN A 251 -12.71 18.85 15.88
N ALA A 252 -11.80 17.94 15.48
CA ALA A 252 -10.65 18.27 14.67
C ALA A 252 -11.11 18.69 13.28
N ALA A 253 -12.09 17.98 12.73
CA ALA A 253 -12.47 18.23 11.34
C ALA A 253 -12.91 19.70 11.18
N TYR A 254 -13.67 20.21 12.15
CA TYR A 254 -14.05 21.63 12.11
C TYR A 254 -12.82 22.54 12.24
N ASP A 255 -11.95 22.22 13.21
CA ASP A 255 -10.82 23.08 13.58
C ASP A 255 -9.84 23.19 12.43
N LEU A 256 -9.87 22.23 11.51
CA LEU A 256 -8.88 22.22 10.45
C LEU A 256 -9.42 23.00 9.24
N THR A 257 -10.70 23.42 9.29
CA THR A 257 -11.24 24.21 8.17
C THR A 257 -10.60 25.61 8.19
N LEU A 258 -10.75 26.37 7.09
CA LEU A 258 -10.26 27.75 7.06
C LEU A 258 -10.87 28.54 8.23
N ASP A 259 -12.20 28.43 8.41
CA ASP A 259 -12.84 29.18 9.49
C ASP A 259 -12.36 28.71 10.86
N GLY A 260 -12.29 27.37 11.05
CA GLY A 260 -11.91 26.88 12.37
C GLY A 260 -10.52 27.33 12.77
N SER A 261 -9.60 27.36 11.81
CA SER A 261 -8.23 27.75 12.08
C SER A 261 -8.14 29.28 12.28
N ALA A 262 -8.91 30.05 11.51
CA ALA A 262 -8.94 31.51 11.65
C ALA A 262 -9.40 31.84 13.08
N LYS A 263 -10.44 31.17 13.59
CA LYS A 263 -10.85 31.39 14.98
C LYS A 263 -9.67 31.20 15.94
N LEU A 264 -8.82 30.19 15.69
CA LEU A 264 -7.71 30.00 16.61
C LEU A 264 -6.70 31.14 16.43
N ASN A 265 -6.42 31.52 15.17
CA ASN A 265 -5.52 32.64 14.94
C ASN A 265 -5.99 33.90 15.67
N ASN A 266 -7.31 34.15 15.65
CA ASN A 266 -7.88 35.36 16.23
C ASN A 266 -7.77 35.37 17.75
N MET A 267 -7.54 34.23 18.39
CA MET A 267 -7.48 34.28 19.85
C MET A 267 -6.06 33.98 20.35
N THR A 268 -5.07 33.92 19.44
CA THR A 268 -3.70 33.77 19.89
C THR A 268 -2.95 35.07 19.66
N SER A 269 -1.84 35.23 20.39
CA SER A 269 -1.00 36.41 20.36
C SER A 269 0.44 35.92 20.44
N MET A 270 1.41 36.80 20.12
CA MET A 270 2.81 36.40 20.20
C MET A 270 3.30 36.48 21.66
N ASN A 271 4.16 35.53 22.03
CA ASN A 271 4.85 35.58 23.31
C ASN A 271 6.28 36.04 23.03
N PRO A 272 6.73 37.18 23.61
CA PRO A 272 8.04 37.74 23.23
C PRO A 272 9.21 36.90 23.73
N ASN A 273 8.95 35.92 24.60
CA ASN A 273 10.02 35.04 25.08
C ASN A 273 10.12 33.73 24.29
N ILE A 274 9.21 33.52 23.35
CA ILE A 274 9.20 32.21 22.70
C ILE A 274 9.87 32.33 21.33
N THR A 275 10.65 31.30 20.97
CA THR A 275 11.24 31.25 19.65
C THR A 275 10.31 30.44 18.76
N TYR A 276 9.82 31.09 17.72
CA TYR A 276 8.84 30.52 16.82
C TYR A 276 9.49 30.20 15.49
N THR A 277 9.23 28.98 14.98
CA THR A 277 9.77 28.58 13.69
C THR A 277 8.83 27.62 12.97
N THR A 278 8.72 27.77 11.64
CA THR A 278 7.85 26.94 10.83
C THR A 278 8.63 26.27 9.71
N TYR A 279 8.18 25.07 9.34
CA TYR A 279 8.67 24.38 8.16
C TYR A 279 7.45 24.00 7.33
N THR A 280 7.64 23.94 6.02
CA THR A 280 6.55 23.78 5.07
C THR A 280 7.10 22.97 3.92
N GLY A 281 6.28 22.07 3.36
CA GLY A 281 6.71 21.31 2.19
C GLY A 281 5.83 21.63 0.99
N VAL A 282 6.35 21.38 -0.21
CA VAL A 282 5.53 21.43 -1.40
C VAL A 282 5.73 20.11 -2.14
N SER A 283 4.63 19.57 -2.66
CA SER A 283 4.67 18.26 -3.30
C SER A 283 3.66 18.26 -4.43
N SER A 284 3.43 19.47 -4.97
CA SER A 284 2.57 19.66 -6.14
C SER A 284 3.37 20.43 -7.19
N HIS A 285 2.86 20.42 -8.43
CA HIS A 285 3.50 21.11 -9.54
C HIS A 285 2.42 21.76 -10.39
N THR A 286 2.77 22.86 -11.05
CA THR A 286 1.83 23.68 -11.80
C THR A 286 1.54 23.03 -13.16
N GLY A 287 0.27 22.95 -13.52
CA GLY A 287 -0.19 22.47 -14.81
C GLY A 287 -0.41 23.63 -15.78
N PRO A 288 -0.87 23.38 -17.02
CA PRO A 288 -0.92 24.44 -18.03
C PRO A 288 -1.90 25.57 -17.68
N LEU A 289 -2.97 25.25 -16.94
CA LEU A 289 -3.98 26.24 -16.57
C LEU A 289 -3.60 26.99 -15.28
N GLY A 290 -2.43 26.67 -14.70
CA GLY A 290 -2.04 27.25 -13.43
C GLY A 290 -2.61 26.54 -12.19
N TYR A 291 -3.19 25.34 -12.39
CA TYR A 291 -3.63 24.53 -11.26
C TYR A 291 -2.48 23.67 -10.75
N GLU A 292 -2.59 23.20 -9.50
CA GLU A 292 -1.55 22.34 -8.93
C GLU A 292 -2.03 20.89 -8.86
N ASN A 293 -1.16 19.97 -9.26
CA ASN A 293 -1.44 18.55 -9.18
C ASN A 293 -0.35 17.90 -8.33
N PRO A 294 -0.66 16.79 -7.61
CA PRO A 294 0.33 16.13 -6.75
C PRO A 294 1.51 15.58 -7.57
N ASP A 295 2.73 15.77 -7.09
CA ASP A 295 3.89 15.10 -7.67
C ASP A 295 3.75 13.59 -7.52
N LEU A 296 4.33 12.84 -8.45
CA LEU A 296 4.63 11.43 -8.21
C LEU A 296 5.41 11.43 -6.91
N GLY A 297 5.04 10.57 -5.97
CA GLY A 297 5.87 10.67 -4.78
C GLY A 297 5.12 11.27 -3.59
N THR A 298 4.07 12.07 -3.89
CA THR A 298 3.08 12.40 -2.88
C THR A 298 2.50 11.08 -2.43
N PHE A 299 2.53 10.82 -1.12
CA PHE A 299 1.92 9.61 -0.61
C PHE A 299 0.50 9.49 -1.17
N PHE A 300 0.19 8.32 -1.74
CA PHE A 300 -0.95 8.15 -2.64
C PHE A 300 -2.28 8.50 -1.96
N LEU A 301 -2.39 8.34 -0.64
CA LEU A 301 -3.66 8.61 0.02
C LEU A 301 -3.98 10.10 0.02
N MET A 302 -3.05 10.95 -0.43
CA MET A 302 -3.28 12.39 -0.48
C MET A 302 -3.50 12.87 -1.92
N ASP A 303 -3.63 11.95 -2.89
CA ASP A 303 -3.75 12.36 -4.28
C ASP A 303 -4.99 13.23 -4.50
N THR A 304 -6.14 12.80 -3.97
CA THR A 304 -7.38 13.53 -4.20
C THR A 304 -7.39 14.85 -3.42
N THR A 305 -6.99 14.80 -2.15
CA THR A 305 -6.95 16.00 -1.33
C THR A 305 -6.03 17.03 -1.99
N SER A 306 -4.89 16.61 -2.54
CA SER A 306 -3.96 17.48 -3.23
C SER A 306 -4.65 18.19 -4.40
N ARG A 307 -5.44 17.43 -5.18
CA ARG A 307 -6.12 17.98 -6.34
C ARG A 307 -7.19 18.98 -5.90
N ILE A 308 -7.86 18.70 -4.78
CA ILE A 308 -8.89 19.61 -4.30
C ILE A 308 -8.27 20.96 -3.95
N ILE A 309 -7.17 20.92 -3.20
CA ILE A 309 -6.48 22.13 -2.81
C ILE A 309 -5.93 22.83 -4.07
N GLY A 310 -5.36 22.02 -4.97
CA GLY A 310 -4.61 22.51 -6.12
C GLY A 310 -5.51 23.19 -7.16
N HIS A 311 -6.82 22.95 -7.09
CA HIS A 311 -7.76 23.50 -8.06
C HIS A 311 -8.54 24.65 -7.43
N ASP A 312 -8.00 25.24 -6.36
CA ASP A 312 -8.67 26.35 -5.70
C ASP A 312 -8.87 27.52 -6.68
N ALA A 313 -9.97 28.27 -6.53
CA ALA A 313 -10.16 29.49 -7.30
C ALA A 313 -9.04 30.50 -7.00
N ARG A 314 -8.59 30.62 -5.74
CA ARG A 314 -7.55 31.57 -5.37
C ARG A 314 -6.17 30.93 -5.58
N GLU A 315 -5.41 31.48 -6.53
CA GLU A 315 -4.13 30.95 -6.99
C GLU A 315 -3.13 30.77 -5.84
N GLU A 316 -3.14 31.69 -4.87
CA GLU A 316 -2.15 31.61 -3.81
C GLU A 316 -2.50 30.50 -2.79
N TRP A 317 -3.67 29.86 -2.92
CA TRP A 317 -4.11 28.78 -2.04
C TRP A 317 -3.90 27.40 -2.69
N ARG A 318 -3.12 27.33 -3.78
CA ARG A 318 -3.07 26.13 -4.60
C ARG A 318 -1.89 25.22 -4.27
N LYS A 319 -0.68 25.76 -4.16
CA LYS A 319 0.50 24.92 -3.93
C LYS A 319 0.37 24.27 -2.56
N ASN A 320 0.77 22.99 -2.46
CA ASN A 320 0.38 22.23 -1.28
C ASN A 320 1.32 21.04 -1.05
N ASP A 321 1.22 20.45 0.15
CA ASP A 321 2.05 19.31 0.53
C ASP A 321 1.25 18.00 0.43
N GLY A 322 0.09 18.04 -0.26
CA GLY A 322 -0.82 16.90 -0.24
C GLY A 322 -2.15 17.18 0.49
N VAL A 323 -2.08 17.84 1.65
CA VAL A 323 -3.30 18.12 2.41
C VAL A 323 -3.25 19.51 3.04
N VAL A 324 -2.08 20.17 3.03
CA VAL A 324 -2.03 21.53 3.52
C VAL A 324 -1.39 22.46 2.51
N PRO A 325 -2.12 23.54 2.11
CA PRO A 325 -1.59 24.52 1.16
C PRO A 325 -0.42 25.26 1.81
N VAL A 326 0.60 25.56 1.00
CA VAL A 326 1.77 26.31 1.43
C VAL A 326 1.39 27.55 2.26
N ILE A 327 0.41 28.34 1.80
CA ILE A 327 0.07 29.58 2.50
C ILE A 327 -0.50 29.26 3.89
N SER A 328 -0.94 28.01 4.13
CA SER A 328 -1.48 27.74 5.46
C SER A 328 -0.34 27.40 6.42
N SER A 329 0.71 26.77 5.91
CA SER A 329 1.81 26.25 6.71
C SER A 329 2.86 27.31 7.06
N LEU A 330 3.08 28.31 6.20
CA LEU A 330 4.18 29.27 6.36
C LEU A 330 4.13 29.97 7.72
N HIS A 331 2.94 30.46 8.10
CA HIS A 331 2.76 31.15 9.38
C HIS A 331 1.28 31.50 9.53
N PRO A 332 0.74 31.66 10.76
CA PRO A 332 -0.62 32.16 10.92
C PRO A 332 -0.73 33.51 10.19
N SER A 333 -1.85 33.71 9.49
CA SER A 333 -2.04 34.91 8.71
C SER A 333 -2.09 36.15 9.63
N ASN A 334 -1.33 37.17 9.27
CA ASN A 334 -1.36 38.42 10.01
C ASN A 334 -0.82 38.21 11.44
N GLN A 335 0.02 37.18 11.64
CA GLN A 335 0.92 37.26 12.78
C GLN A 335 2.30 37.61 12.24
N PRO A 336 3.16 38.28 13.03
CA PRO A 336 4.46 38.72 12.52
C PRO A 336 5.36 37.53 12.20
N PHE A 337 6.05 37.64 11.06
CA PHE A 337 6.90 36.58 10.57
C PHE A 337 8.10 37.22 9.87
N VAL A 338 9.17 36.43 9.72
CA VAL A 338 10.33 36.80 8.93
C VAL A 338 10.80 35.55 8.19
N ASN A 339 11.03 35.68 6.88
CA ASN A 339 11.65 34.61 6.09
C ASN A 339 13.10 34.48 6.49
N VAL A 340 13.47 33.25 6.80
CA VAL A 340 14.80 32.96 7.32
C VAL A 340 15.43 31.96 6.36
N THR A 341 16.76 31.93 6.33
CA THR A 341 17.51 31.00 5.51
C THR A 341 17.69 29.71 6.30
N ASN A 342 18.10 28.62 5.65
CA ASN A 342 18.46 27.41 6.38
C ASN A 342 19.71 27.56 7.24
N ASN A 343 20.62 28.47 6.89
CA ASN A 343 21.93 28.44 7.53
C ASN A 343 21.95 29.29 8.78
N GLU A 344 21.36 30.48 8.70
CA GLU A 344 21.49 31.47 9.75
C GLU A 344 20.85 30.99 11.05
N PRO A 345 21.26 31.56 12.20
CA PRO A 345 20.65 31.24 13.49
C PRO A 345 19.17 31.59 13.42
N ALA A 346 18.33 30.71 13.96
CA ALA A 346 16.90 30.95 14.02
C ALA A 346 16.53 31.23 15.48
N THR A 347 17.02 32.35 15.98
CA THR A 347 17.12 32.58 17.40
C THR A 347 16.36 33.85 17.79
N ARG A 348 15.64 34.46 16.85
CA ARG A 348 14.76 35.59 17.15
C ARG A 348 13.55 35.10 17.94
N ARG A 349 13.09 35.93 18.87
CA ARG A 349 11.96 35.66 19.73
C ARG A 349 10.76 36.46 19.27
N GLY A 350 9.55 35.91 19.44
CA GLY A 350 8.34 36.70 19.29
C GLY A 350 7.88 36.86 17.85
N ILE A 351 8.49 36.14 16.91
CA ILE A 351 8.17 36.33 15.52
C ILE A 351 8.33 34.99 14.77
N TRP A 352 7.38 34.65 13.88
CA TRP A 352 7.45 33.37 13.19
C TRP A 352 8.62 33.38 12.24
N GLN A 353 9.64 32.56 12.52
CA GLN A 353 10.76 32.37 11.61
C GLN A 353 10.40 31.31 10.57
N VAL A 354 10.15 31.75 9.33
CA VAL A 354 9.70 30.84 8.31
C VAL A 354 10.85 30.30 7.46
N LYS A 355 11.03 28.99 7.58
CA LYS A 355 12.13 28.25 6.97
C LYS A 355 11.82 28.09 5.49
N PRO A 356 12.83 28.03 4.59
CA PRO A 356 12.57 27.85 3.16
C PRO A 356 11.82 26.54 2.93
N ILE A 357 10.87 26.59 2.02
CA ILE A 357 10.00 25.48 1.65
C ILE A 357 10.85 24.27 1.25
N LEU A 358 10.48 23.09 1.75
CA LEU A 358 11.18 21.85 1.45
C LEU A 358 10.56 21.25 0.19
N GLN A 359 11.34 21.27 -0.92
CA GLN A 359 10.86 20.92 -2.25
C GLN A 359 10.70 19.41 -2.32
N GLY A 360 9.53 18.91 -2.75
CA GLY A 360 9.29 17.47 -2.87
C GLY A 360 8.81 16.79 -1.57
N TRP A 361 8.76 17.54 -0.46
CA TRP A 361 8.33 16.97 0.82
C TRP A 361 6.81 17.11 0.95
N ASP A 362 6.12 15.97 0.95
CA ASP A 362 4.69 15.99 1.20
C ASP A 362 4.47 16.01 2.71
N HIS A 363 3.20 16.10 3.10
CA HIS A 363 2.76 16.22 4.47
C HIS A 363 3.37 15.15 5.37
N VAL A 364 3.46 13.91 4.87
CA VAL A 364 3.90 12.83 5.75
C VAL A 364 5.39 12.53 5.57
N ASP A 365 6.05 13.11 4.54
CA ASP A 365 7.50 13.01 4.44
C ASP A 365 8.15 13.63 5.69
N PHE A 366 7.49 14.63 6.29
CA PHE A 366 8.04 15.26 7.49
C PHE A 366 8.19 14.28 8.66
N ILE A 367 7.40 13.19 8.66
CA ILE A 367 7.46 12.24 9.78
C ILE A 367 7.93 10.87 9.29
N GLY A 368 8.34 10.80 8.02
CA GLY A 368 9.11 9.67 7.56
C GLY A 368 8.26 8.44 7.21
N VAL A 369 6.94 8.60 7.12
CA VAL A 369 6.08 7.43 7.03
C VAL A 369 5.77 7.13 5.58
N ASP A 370 6.30 7.92 4.63
CA ASP A 370 6.00 7.62 3.23
C ASP A 370 6.96 6.52 2.78
N PHE A 371 6.58 5.25 3.05
CA PHE A 371 7.43 4.10 2.75
C PHE A 371 7.48 3.86 1.23
N LEU A 372 6.62 4.52 0.46
CA LEU A 372 6.63 4.33 -0.98
C LEU A 372 7.55 5.34 -1.68
N ASP A 373 8.21 6.25 -0.95
CA ASP A 373 8.90 7.36 -1.58
C ASP A 373 10.41 7.26 -1.31
N PHE A 374 11.14 6.70 -2.29
CA PHE A 374 12.55 6.36 -2.09
C PHE A 374 13.43 7.61 -2.23
N LYS A 375 12.90 8.69 -2.77
CA LYS A 375 13.63 9.95 -2.86
C LYS A 375 13.86 10.56 -1.48
N ARG A 376 13.02 10.22 -0.50
CA ARG A 376 13.13 10.85 0.81
C ARG A 376 13.83 9.82 1.73
N LYS A 377 15.11 10.05 2.03
CA LYS A 377 15.98 9.04 2.63
C LYS A 377 16.00 9.18 4.14
N GLY A 378 16.32 8.07 4.83
CA GLY A 378 16.47 8.11 6.28
C GLY A 378 17.51 9.14 6.72
N SER A 379 18.61 9.22 5.96
CA SER A 379 19.72 10.07 6.37
C SER A 379 19.31 11.54 6.23
N GLU A 380 18.51 11.85 5.21
CA GLU A 380 17.95 13.17 5.05
C GLU A 380 17.06 13.50 6.26
N LEU A 381 16.20 12.55 6.67
CA LEU A 381 15.26 12.83 7.75
C LEU A 381 16.01 12.99 9.07
N ALA A 382 17.04 12.15 9.30
CA ALA A 382 17.93 12.33 10.45
C ALA A 382 18.52 13.74 10.49
N ASN A 383 19.02 14.24 9.34
CA ASN A 383 19.64 15.56 9.31
C ASN A 383 18.61 16.62 9.65
N PHE A 384 17.38 16.42 9.14
CA PHE A 384 16.32 17.38 9.37
C PHE A 384 16.02 17.49 10.87
N TYR A 385 15.89 16.34 11.55
CA TYR A 385 15.52 16.36 12.97
C TYR A 385 16.67 16.93 13.81
N ILE A 386 17.91 16.55 13.47
CA ILE A 386 19.08 17.01 14.20
C ILE A 386 19.22 18.51 14.01
N GLY A 387 18.89 19.01 12.81
CA GLY A 387 18.87 20.46 12.55
C GLY A 387 17.86 21.19 13.44
N ILE A 388 16.71 20.57 13.71
CA ILE A 388 15.76 21.17 14.65
C ILE A 388 16.37 21.21 16.05
N ILE A 389 16.99 20.10 16.48
CA ILE A 389 17.59 20.03 17.80
C ILE A 389 18.71 21.07 17.92
N ASN A 390 19.50 21.25 16.86
CA ASN A 390 20.53 22.29 16.84
C ASN A 390 19.93 23.68 17.08
N ASP A 391 18.86 24.03 16.36
CA ASP A 391 18.15 25.27 16.61
C ASP A 391 17.71 25.37 18.06
N LEU A 392 17.15 24.29 18.60
CA LEU A 392 16.67 24.30 19.98
C LEU A 392 17.83 24.54 20.96
N LEU A 393 18.96 23.85 20.73
CA LEU A 393 20.17 24.11 21.50
C LEU A 393 20.59 25.59 21.41
N SER A 394 20.49 26.20 20.22
CA SER A 394 20.78 27.62 20.00
C SER A 394 19.87 28.53 20.81
N VAL A 395 18.59 28.14 20.89
CA VAL A 395 17.63 28.87 21.71
C VAL A 395 18.12 28.89 23.16
N GLU A 396 18.54 27.71 23.67
CA GLU A 396 19.00 27.56 25.05
C GLU A 396 20.27 28.39 25.26
N ALA A 397 21.18 28.37 24.29
CA ALA A 397 22.48 29.02 24.41
C ALA A 397 22.34 30.54 24.39
N THR A 398 21.28 31.07 23.76
CA THR A 398 21.14 32.51 23.63
C THR A 398 20.07 33.03 24.58
N GLU A 399 19.77 32.28 25.64
CA GLU A 399 19.01 32.84 26.74
C GLU A 399 19.94 33.69 27.60
N GLN B 18 -20.91 -13.63 -34.22
CA GLN B 18 -19.93 -13.23 -35.27
C GLN B 18 -18.78 -12.45 -34.60
N PRO B 19 -17.91 -13.09 -33.78
CA PRO B 19 -16.74 -12.37 -33.23
C PRO B 19 -15.76 -11.98 -34.35
N LEU B 20 -15.05 -10.87 -34.15
CA LEU B 20 -14.05 -10.41 -35.11
C LEU B 20 -12.93 -11.42 -35.29
N ASN B 21 -12.54 -12.12 -34.21
CA ASN B 21 -11.50 -13.15 -34.25
C ASN B 21 -12.18 -14.50 -34.45
N LYS B 22 -11.65 -15.31 -35.36
CA LYS B 22 -12.26 -16.59 -35.69
C LYS B 22 -11.89 -17.63 -34.63
N TYR B 23 -10.77 -17.43 -33.94
CA TYR B 23 -10.40 -18.36 -32.90
C TYR B 23 -10.46 -17.65 -31.56
N PRO B 24 -11.08 -18.29 -30.53
CA PRO B 24 -11.14 -17.68 -29.20
C PRO B 24 -9.74 -17.38 -28.69
N VAL B 25 -9.63 -16.25 -27.97
CA VAL B 25 -8.42 -15.91 -27.24
C VAL B 25 -8.61 -16.30 -25.76
N VAL B 26 -7.67 -17.08 -25.24
CA VAL B 26 -7.68 -17.46 -23.82
C VAL B 26 -6.47 -16.82 -23.14
N PHE B 27 -6.73 -15.95 -22.16
CA PHE B 27 -5.70 -15.33 -21.36
C PHE B 27 -5.44 -16.16 -20.11
N VAL B 28 -4.17 -16.44 -19.83
CA VAL B 28 -3.80 -17.38 -18.79
C VAL B 28 -2.92 -16.67 -17.75
N HIS B 29 -3.43 -16.57 -16.51
CA HIS B 29 -2.78 -15.81 -15.45
C HIS B 29 -1.53 -16.55 -14.97
N GLY B 30 -0.65 -15.85 -14.26
CA GLY B 30 0.54 -16.52 -13.74
C GLY B 30 0.37 -17.05 -12.30
N PHE B 31 1.51 -17.16 -11.60
CA PHE B 31 1.62 -17.55 -10.22
C PHE B 31 0.88 -16.54 -9.35
N LEU B 32 0.12 -17.02 -8.34
CA LEU B 32 -0.56 -16.14 -7.39
C LEU B 32 -1.88 -15.63 -7.94
N GLY B 33 -2.12 -15.73 -9.26
CA GLY B 33 -3.29 -15.10 -9.86
C GLY B 33 -4.61 -15.82 -9.54
N LEU B 34 -5.61 -15.06 -9.12
CA LEU B 34 -6.98 -15.52 -8.93
C LEU B 34 -7.88 -14.68 -9.82
N VAL B 35 -8.86 -15.31 -10.47
CA VAL B 35 -9.70 -14.55 -11.38
C VAL B 35 -11.17 -14.87 -11.12
N GLY B 36 -12.03 -13.96 -11.59
CA GLY B 36 -13.47 -14.20 -11.66
C GLY B 36 -14.07 -14.43 -10.27
N ASP B 37 -14.89 -15.50 -10.14
CA ASP B 37 -15.61 -15.83 -8.92
C ASP B 37 -14.66 -16.24 -7.80
N ASN B 38 -13.47 -16.71 -8.19
CA ASN B 38 -12.47 -17.30 -7.31
C ASN B 38 -11.58 -16.22 -6.67
N ALA B 39 -11.87 -14.94 -6.92
CA ALA B 39 -11.05 -13.91 -6.30
C ALA B 39 -11.64 -13.52 -4.95
N PRO B 40 -10.78 -13.25 -3.94
CA PRO B 40 -11.24 -12.81 -2.63
C PRO B 40 -12.17 -11.60 -2.70
N ALA B 41 -12.88 -11.41 -1.58
CA ALA B 41 -13.79 -10.31 -1.29
C ALA B 41 -13.27 -8.97 -1.84
N LEU B 42 -12.03 -8.59 -1.52
CA LEU B 42 -11.31 -7.46 -2.08
C LEU B 42 -10.05 -8.03 -2.72
N TYR B 43 -9.82 -7.75 -4.00
CA TYR B 43 -8.65 -8.30 -4.67
C TYR B 43 -8.62 -7.65 -6.05
N PRO B 44 -7.42 -7.40 -6.64
CA PRO B 44 -7.35 -6.67 -7.91
C PRO B 44 -8.04 -7.50 -9.00
N ASN B 45 -8.56 -6.83 -10.02
CA ASN B 45 -8.97 -7.47 -11.25
C ASN B 45 -7.69 -7.82 -12.02
N TYR B 46 -7.41 -9.13 -12.17
CA TYR B 46 -6.10 -9.57 -12.63
C TYR B 46 -5.80 -9.00 -14.03
N TRP B 47 -6.72 -9.19 -14.98
CA TRP B 47 -6.45 -8.76 -16.35
C TRP B 47 -6.83 -7.30 -16.56
N GLY B 48 -5.94 -6.39 -16.15
CA GLY B 48 -6.11 -4.99 -16.51
C GLY B 48 -6.30 -4.08 -15.31
N GLY B 49 -6.44 -4.66 -14.10
CA GLY B 49 -6.66 -3.84 -12.92
C GLY B 49 -7.91 -2.96 -13.08
N ASN B 50 -7.78 -1.69 -12.68
CA ASN B 50 -8.77 -0.65 -12.93
C ASN B 50 -8.35 0.21 -14.12
N LYS B 51 -7.24 -0.15 -14.78
CA LYS B 51 -6.69 0.68 -15.85
C LYS B 51 -7.36 0.34 -17.19
N PHE B 52 -7.46 -0.95 -17.51
CA PHE B 52 -8.08 -1.35 -18.77
C PHE B 52 -8.62 -2.77 -18.61
N LYS B 53 -9.95 -2.89 -18.53
CA LYS B 53 -10.57 -4.16 -18.20
C LYS B 53 -10.53 -5.06 -19.43
N VAL B 54 -9.46 -5.88 -19.50
CA VAL B 54 -9.15 -6.59 -20.73
C VAL B 54 -10.35 -7.38 -21.24
N ILE B 55 -10.96 -8.21 -20.38
CA ILE B 55 -11.98 -9.13 -20.88
C ILE B 55 -13.22 -8.34 -21.34
N GLU B 56 -13.69 -7.43 -20.48
CA GLU B 56 -14.92 -6.70 -20.71
C GLU B 56 -14.75 -5.76 -21.91
N GLU B 57 -13.62 -5.04 -22.00
CA GLU B 57 -13.39 -4.06 -23.06
C GLU B 57 -13.18 -4.74 -24.41
N LEU B 58 -12.38 -5.80 -24.46
CA LEU B 58 -12.17 -6.51 -25.72
C LEU B 58 -13.48 -7.12 -26.20
N ARG B 59 -14.33 -7.57 -25.27
CA ARG B 59 -15.62 -8.13 -25.69
C ARG B 59 -16.47 -7.01 -26.28
N LYS B 60 -16.49 -5.84 -25.63
CA LYS B 60 -17.25 -4.70 -26.11
C LYS B 60 -16.82 -4.35 -27.54
N GLN B 61 -15.56 -4.58 -27.90
CA GLN B 61 -15.07 -4.22 -29.22
C GLN B 61 -15.34 -5.34 -30.22
N GLY B 62 -16.01 -6.41 -29.77
CA GLY B 62 -16.44 -7.50 -30.65
C GLY B 62 -15.49 -8.70 -30.72
N TYR B 63 -14.56 -8.83 -29.76
CA TYR B 63 -13.66 -9.99 -29.74
C TYR B 63 -14.15 -11.06 -28.76
N ASN B 64 -13.91 -12.32 -29.12
CA ASN B 64 -14.25 -13.44 -28.28
C ASN B 64 -13.01 -13.80 -27.46
N VAL B 65 -13.02 -13.40 -26.19
CA VAL B 65 -11.89 -13.58 -25.30
C VAL B 65 -12.36 -14.18 -23.98
N HIS B 66 -11.43 -14.85 -23.27
CA HIS B 66 -11.72 -15.49 -22.00
C HIS B 66 -10.52 -15.40 -21.06
N GLN B 67 -10.78 -15.42 -19.73
CA GLN B 67 -9.69 -15.57 -18.78
C GLN B 67 -9.75 -16.94 -18.12
N ALA B 68 -8.72 -17.75 -18.34
CA ALA B 68 -8.65 -19.07 -17.75
C ALA B 68 -8.49 -18.93 -16.23
N SER B 69 -8.97 -19.95 -15.52
CA SER B 69 -8.79 -20.04 -14.08
C SER B 69 -8.09 -21.37 -13.76
N VAL B 70 -6.83 -21.29 -13.36
CA VAL B 70 -6.07 -22.50 -13.08
C VAL B 70 -5.31 -22.27 -11.77
N SER B 71 -4.67 -23.33 -11.25
CA SER B 71 -4.05 -23.32 -9.94
C SER B 71 -3.11 -22.12 -9.79
N ALA B 72 -3.23 -21.40 -8.66
CA ALA B 72 -2.37 -20.25 -8.42
C ALA B 72 -1.00 -20.64 -7.87
N PHE B 73 -0.92 -21.82 -7.20
CA PHE B 73 0.30 -22.21 -6.51
C PHE B 73 0.87 -23.52 -7.06
N GLY B 74 0.14 -24.18 -7.95
CA GLY B 74 0.56 -25.50 -8.40
C GLY B 74 1.62 -25.45 -9.51
N SER B 75 2.12 -26.62 -9.91
CA SER B 75 3.17 -26.77 -10.90
C SER B 75 2.63 -26.38 -12.26
N ASN B 76 3.55 -26.11 -13.20
CA ASN B 76 3.17 -25.95 -14.60
C ASN B 76 2.41 -27.17 -15.07
N TYR B 77 2.86 -28.34 -14.61
CA TYR B 77 2.17 -29.56 -15.03
C TYR B 77 0.71 -29.49 -14.60
N ASP B 78 0.48 -29.29 -13.29
CA ASP B 78 -0.89 -29.33 -12.81
C ASP B 78 -1.74 -28.28 -13.53
N ARG B 79 -1.15 -27.07 -13.68
CA ARG B 79 -1.82 -25.93 -14.31
C ARG B 79 -2.12 -26.22 -15.78
N ALA B 80 -1.19 -26.92 -16.46
CA ALA B 80 -1.40 -27.17 -17.88
C ALA B 80 -2.57 -28.15 -18.06
N VAL B 81 -2.67 -29.10 -17.12
CA VAL B 81 -3.78 -30.05 -17.17
C VAL B 81 -5.08 -29.28 -16.97
N GLN B 82 -5.08 -28.41 -15.95
CA GLN B 82 -6.26 -27.62 -15.60
C GLN B 82 -6.65 -26.72 -16.78
N LEU B 83 -5.65 -26.15 -17.47
CA LEU B 83 -5.91 -25.24 -18.60
C LEU B 83 -6.67 -26.04 -19.67
N TYR B 84 -6.15 -27.24 -19.95
CA TYR B 84 -6.80 -28.14 -20.90
C TYR B 84 -8.29 -28.29 -20.57
N TYR B 85 -8.61 -28.63 -19.30
CA TYR B 85 -9.99 -28.89 -18.91
C TYR B 85 -10.79 -27.59 -18.85
N TYR B 86 -10.14 -26.49 -18.47
CA TYR B 86 -10.83 -25.21 -18.53
C TYR B 86 -11.36 -24.95 -19.95
N ILE B 87 -10.56 -25.31 -20.97
CA ILE B 87 -10.97 -25.01 -22.33
C ILE B 87 -11.97 -26.07 -22.80
N LYS B 88 -11.59 -27.35 -22.67
CA LYS B 88 -12.34 -28.45 -23.26
C LYS B 88 -13.60 -28.74 -22.44
N GLY B 89 -13.51 -28.60 -21.12
CA GLY B 89 -14.56 -29.04 -20.21
C GLY B 89 -14.22 -30.42 -19.64
N GLY B 90 -14.74 -30.74 -18.44
CA GLY B 90 -14.64 -32.08 -17.88
C GLY B 90 -13.88 -32.11 -16.56
N ARG B 91 -13.69 -33.31 -16.02
CA ARG B 91 -13.03 -33.52 -14.75
C ARG B 91 -11.53 -33.56 -14.95
N VAL B 92 -10.80 -32.73 -14.21
CA VAL B 92 -9.35 -32.66 -14.29
C VAL B 92 -8.75 -34.04 -13.98
N ASP B 93 -7.85 -34.50 -14.85
CA ASP B 93 -7.14 -35.75 -14.65
C ASP B 93 -5.66 -35.48 -14.81
N TYR B 94 -4.92 -35.49 -13.70
CA TYR B 94 -3.50 -35.20 -13.69
C TYR B 94 -2.69 -36.40 -14.19
N GLY B 95 -3.36 -37.54 -14.42
CA GLY B 95 -2.70 -38.76 -14.87
C GLY B 95 -2.32 -39.66 -13.69
N ALA B 96 -2.54 -40.97 -13.88
CA ALA B 96 -2.29 -41.95 -12.84
C ALA B 96 -0.82 -41.98 -12.43
N ALA B 97 0.07 -41.97 -13.43
CA ALA B 97 1.52 -42.06 -13.15
C ALA B 97 1.99 -40.83 -12.38
N HIS B 98 1.56 -39.64 -12.83
CA HIS B 98 1.97 -38.40 -12.19
C HIS B 98 1.47 -38.38 -10.74
N ALA B 99 0.18 -38.72 -10.54
CA ALA B 99 -0.42 -38.74 -9.21
C ALA B 99 0.36 -39.64 -8.27
N ALA B 100 0.66 -40.86 -8.75
CA ALA B 100 1.39 -41.85 -7.97
C ALA B 100 2.82 -41.38 -7.74
N LYS B 101 3.48 -40.80 -8.77
CA LYS B 101 4.85 -40.35 -8.54
C LYS B 101 4.91 -39.24 -7.49
N TYR B 102 4.00 -38.25 -7.52
CA TYR B 102 4.21 -37.06 -6.69
C TYR B 102 3.45 -37.14 -5.37
N GLY B 103 2.41 -37.98 -5.34
CA GLY B 103 1.64 -38.22 -4.13
C GLY B 103 0.49 -37.22 -3.97
N HIS B 104 -0.29 -36.97 -5.03
CA HIS B 104 -1.48 -36.17 -4.86
C HIS B 104 -2.63 -36.87 -5.58
N GLU B 105 -3.83 -36.32 -5.44
CA GLU B 105 -4.99 -36.93 -6.08
C GLU B 105 -4.79 -36.97 -7.59
N ARG B 106 -5.38 -37.98 -8.23
CA ARG B 106 -5.36 -38.09 -9.66
C ARG B 106 -6.35 -37.09 -10.28
N TYR B 107 -7.53 -36.99 -9.67
CA TYR B 107 -8.64 -36.24 -10.20
C TYR B 107 -8.82 -34.96 -9.38
N GLY B 108 -9.18 -33.88 -10.08
CA GLY B 108 -9.34 -32.58 -9.45
C GLY B 108 -10.74 -32.04 -9.73
N LYS B 109 -10.83 -30.72 -9.92
CA LYS B 109 -12.12 -30.06 -10.06
C LYS B 109 -12.71 -30.40 -11.44
N THR B 110 -13.97 -30.04 -11.65
CA THR B 110 -14.51 -30.28 -12.96
C THR B 110 -14.92 -28.94 -13.58
N TYR B 111 -14.60 -28.75 -14.85
CA TYR B 111 -14.86 -27.46 -15.50
C TYR B 111 -16.00 -27.63 -16.49
N LYS B 112 -16.80 -26.58 -16.64
CA LYS B 112 -17.87 -26.53 -17.63
C LYS B 112 -17.24 -26.67 -19.01
N GLY B 113 -16.11 -25.97 -19.25
CA GLY B 113 -15.52 -25.95 -20.57
C GLY B 113 -16.01 -24.74 -21.36
N ILE B 114 -15.08 -24.06 -22.01
CA ILE B 114 -15.36 -22.84 -22.74
C ILE B 114 -15.57 -23.17 -24.23
N MET B 115 -14.92 -24.24 -24.69
CA MET B 115 -15.05 -24.68 -26.07
C MET B 115 -15.20 -26.19 -26.08
N PRO B 116 -16.39 -26.75 -25.75
CA PRO B 116 -16.53 -28.20 -25.62
C PRO B 116 -16.20 -28.95 -26.92
N ASN B 117 -16.17 -28.21 -28.04
CA ASN B 117 -15.94 -28.77 -29.38
C ASN B 117 -14.48 -28.63 -29.81
N TRP B 118 -13.61 -28.33 -28.86
CA TRP B 118 -12.21 -28.11 -29.17
C TRP B 118 -11.59 -29.42 -29.65
N GLU B 119 -10.96 -29.34 -30.83
CA GLU B 119 -10.45 -30.49 -31.56
C GLU B 119 -9.57 -29.97 -32.70
N PRO B 120 -8.74 -30.83 -33.33
CA PRO B 120 -7.93 -30.40 -34.48
C PRO B 120 -8.78 -29.67 -35.51
N GLY B 121 -8.35 -28.46 -35.91
CA GLY B 121 -9.12 -27.63 -36.81
C GLY B 121 -9.76 -26.44 -36.10
N LYS B 122 -10.25 -26.65 -34.88
CA LYS B 122 -10.90 -25.55 -34.16
C LYS B 122 -9.89 -25.00 -33.16
N LYS B 123 -9.25 -23.90 -33.52
CA LYS B 123 -8.04 -23.50 -32.81
C LYS B 123 -8.38 -22.47 -31.74
N VAL B 124 -7.39 -22.25 -30.88
CA VAL B 124 -7.48 -21.22 -29.86
C VAL B 124 -6.18 -20.38 -29.90
N HIS B 125 -6.26 -19.07 -29.62
CA HIS B 125 -5.07 -18.29 -29.32
C HIS B 125 -4.82 -18.31 -27.81
N LEU B 126 -3.56 -18.53 -27.41
CA LEU B 126 -3.21 -18.58 -25.99
C LEU B 126 -2.29 -17.43 -25.64
N VAL B 127 -2.70 -16.61 -24.67
CA VAL B 127 -1.81 -15.56 -24.18
C VAL B 127 -1.60 -15.67 -22.68
N GLY B 128 -0.34 -15.80 -22.28
CA GLY B 128 0.00 -16.07 -20.89
C GLY B 128 0.78 -14.89 -20.31
N HIS B 129 0.38 -14.47 -19.12
CA HIS B 129 1.20 -13.53 -18.37
C HIS B 129 2.05 -14.33 -17.40
N ALA B 130 3.35 -14.04 -17.42
CA ALA B 130 4.30 -14.56 -16.47
C ALA B 130 4.25 -16.10 -16.53
N MET B 131 4.04 -16.77 -15.39
CA MET B 131 4.00 -18.22 -15.37
C MET B 131 2.96 -18.76 -16.35
N GLY B 132 1.90 -17.99 -16.63
CA GLY B 132 0.92 -18.46 -17.60
C GLY B 132 1.56 -18.82 -18.96
N GLY B 133 2.66 -18.13 -19.30
CA GLY B 133 3.36 -18.36 -20.56
C GLY B 133 4.02 -19.75 -20.58
N GLN B 134 4.52 -20.20 -19.42
CA GLN B 134 5.08 -21.54 -19.32
C GLN B 134 3.97 -22.58 -19.35
N THR B 135 2.85 -22.28 -18.70
CA THR B 135 1.75 -23.22 -18.59
C THR B 135 1.24 -23.56 -19.99
N ILE B 136 1.12 -22.52 -20.80
CA ILE B 136 0.62 -22.64 -22.15
C ILE B 136 1.56 -23.52 -22.98
N ARG B 137 2.88 -23.31 -22.85
CA ARG B 137 3.85 -24.12 -23.57
C ARG B 137 3.69 -25.60 -23.19
N LEU B 138 3.52 -25.90 -21.89
CA LEU B 138 3.48 -27.30 -21.47
C LEU B 138 2.21 -27.96 -22.02
N MET B 139 1.08 -27.24 -21.95
CA MET B 139 -0.16 -27.86 -22.38
C MET B 139 -0.06 -28.24 -23.86
N GLU B 140 0.47 -27.32 -24.68
CA GLU B 140 0.55 -27.57 -26.11
C GLU B 140 1.49 -28.75 -26.37
N GLU B 141 2.58 -28.82 -25.61
CA GLU B 141 3.48 -29.95 -25.67
C GLU B 141 2.73 -31.27 -25.47
N PHE B 142 1.81 -31.32 -24.49
CA PHE B 142 1.04 -32.53 -24.23
C PHE B 142 0.08 -32.85 -25.38
N LEU B 143 -0.61 -31.83 -25.89
CA LEU B 143 -1.51 -32.06 -27.00
C LEU B 143 -0.76 -32.72 -28.17
N ARG B 144 0.41 -32.15 -28.52
CA ARG B 144 1.15 -32.56 -29.71
C ARG B 144 1.87 -33.91 -29.49
N ASN B 145 2.60 -34.05 -28.37
CA ASN B 145 3.47 -35.21 -28.16
C ASN B 145 2.97 -36.12 -27.04
N GLY B 146 1.90 -35.75 -26.34
CA GLY B 146 1.38 -36.56 -25.22
C GLY B 146 2.36 -36.60 -24.05
N ASN B 147 2.14 -37.55 -23.14
CA ASN B 147 2.96 -37.67 -21.94
C ASN B 147 3.37 -39.14 -21.83
N LYS B 148 4.67 -39.40 -22.05
CA LYS B 148 5.12 -40.77 -22.27
C LYS B 148 4.89 -41.62 -21.02
N GLU B 149 5.13 -41.06 -19.84
CA GLU B 149 4.95 -41.81 -18.59
C GLU B 149 3.50 -42.23 -18.41
N GLU B 150 2.55 -41.40 -18.87
CA GLU B 150 1.15 -41.75 -18.77
C GLU B 150 0.77 -42.77 -19.83
N ILE B 151 1.33 -42.63 -21.05
CA ILE B 151 1.06 -43.60 -22.09
C ILE B 151 1.56 -44.98 -21.64
N ALA B 152 2.80 -45.03 -21.11
CA ALA B 152 3.43 -46.24 -20.60
C ALA B 152 2.62 -46.84 -19.45
N TYR B 153 2.20 -45.99 -18.50
CA TYR B 153 1.46 -46.47 -17.34
C TYR B 153 0.15 -47.14 -17.77
N HIS B 154 -0.55 -46.54 -18.72
CA HIS B 154 -1.85 -47.04 -19.17
C HIS B 154 -1.66 -48.31 -20.02
N GLN B 155 -0.54 -48.38 -20.76
CA GLN B 155 -0.08 -49.58 -21.45
C GLN B 155 0.03 -50.73 -20.46
N ALA B 156 0.77 -50.50 -19.37
CA ALA B 156 1.05 -51.51 -18.35
C ALA B 156 -0.19 -51.86 -17.54
N HIS B 157 -1.06 -50.90 -17.21
CA HIS B 157 -2.04 -51.14 -16.16
C HIS B 157 -3.48 -51.04 -16.64
N GLY B 158 -3.72 -50.78 -17.94
CA GLY B 158 -5.06 -50.54 -18.44
C GLY B 158 -5.67 -49.25 -17.89
N GLY B 159 -7.01 -49.18 -17.86
CA GLY B 159 -7.74 -48.03 -17.35
C GLY B 159 -8.03 -47.03 -18.47
N GLU B 160 -8.34 -45.78 -18.09
CA GLU B 160 -8.47 -44.70 -19.07
C GLU B 160 -7.24 -43.79 -18.99
N ILE B 161 -6.89 -43.21 -20.14
CA ILE B 161 -5.88 -42.19 -20.19
C ILE B 161 -6.57 -40.93 -20.75
N SER B 162 -6.25 -39.76 -20.18
CA SER B 162 -6.79 -38.51 -20.67
C SER B 162 -6.39 -38.30 -22.14
N PRO B 163 -7.28 -37.76 -23.02
CA PRO B 163 -6.86 -37.37 -24.37
C PRO B 163 -5.71 -36.37 -24.37
N LEU B 164 -5.51 -35.66 -23.25
CA LEU B 164 -4.43 -34.69 -23.15
C LEU B 164 -3.07 -35.39 -23.22
N PHE B 165 -3.01 -36.66 -22.82
CA PHE B 165 -1.72 -37.32 -22.61
C PHE B 165 -1.34 -38.27 -23.75
N THR B 166 -2.24 -38.42 -24.72
CA THR B 166 -2.21 -39.37 -25.82
C THR B 166 -1.18 -38.97 -26.88
N GLY B 167 -1.12 -37.68 -27.19
CA GLY B 167 -0.29 -37.20 -28.28
C GLY B 167 -1.10 -37.19 -29.57
N GLY B 168 -0.55 -36.55 -30.61
CA GLY B 168 -1.13 -36.58 -31.95
C GLY B 168 -2.20 -35.51 -32.17
N HIS B 169 -2.36 -34.57 -31.22
CA HIS B 169 -3.35 -33.52 -31.38
C HIS B 169 -2.64 -32.27 -31.91
N ASN B 170 -2.86 -31.97 -33.19
CA ASN B 170 -2.30 -30.80 -33.83
C ASN B 170 -3.41 -29.85 -34.23
N ASN B 171 -3.00 -28.66 -34.69
CA ASN B 171 -3.98 -27.72 -35.21
C ASN B 171 -5.04 -27.40 -34.15
N MET B 172 -4.62 -27.28 -32.89
CA MET B 172 -5.55 -26.91 -31.83
C MET B 172 -5.20 -25.54 -31.23
N VAL B 173 -3.93 -25.17 -31.37
CA VAL B 173 -3.51 -23.84 -30.93
C VAL B 173 -2.85 -23.08 -32.08
N ALA B 174 -3.37 -21.87 -32.32
CA ALA B 174 -2.93 -20.97 -33.39
C ALA B 174 -1.67 -20.22 -32.96
N SER B 175 -1.60 -19.87 -31.67
CA SER B 175 -0.58 -18.92 -31.24
C SER B 175 -0.31 -19.04 -29.75
N ILE B 176 0.95 -18.78 -29.41
CA ILE B 176 1.40 -18.69 -28.04
C ILE B 176 2.08 -17.32 -27.89
N THR B 177 1.47 -16.47 -27.05
CA THR B 177 2.08 -15.19 -26.74
C THR B 177 2.27 -15.06 -25.23
N THR B 178 3.48 -14.66 -24.83
CA THR B 178 3.91 -14.61 -23.45
C THR B 178 4.27 -13.17 -23.09
N LEU B 179 3.86 -12.76 -21.88
CA LEU B 179 4.13 -11.42 -21.35
C LEU B 179 4.89 -11.57 -20.05
N ALA B 180 6.15 -11.15 -20.04
CA ALA B 180 6.97 -11.18 -18.83
C ALA B 180 7.05 -12.59 -18.27
N THR B 181 7.08 -13.59 -19.16
CA THR B 181 7.15 -14.99 -18.77
C THR B 181 8.58 -15.35 -18.39
N PRO B 182 8.83 -15.96 -17.21
CA PRO B 182 10.18 -16.41 -16.85
C PRO B 182 10.60 -17.70 -17.57
N HIS B 183 10.76 -17.62 -18.89
CA HIS B 183 11.07 -18.82 -19.67
C HIS B 183 12.33 -19.50 -19.17
N ASN B 184 13.26 -18.73 -18.59
CA ASN B 184 14.50 -19.30 -18.06
C ASN B 184 14.56 -19.17 -16.54
N GLY B 185 13.40 -18.98 -15.88
CA GLY B 185 13.38 -18.98 -14.43
C GLY B 185 13.72 -17.61 -13.86
N SER B 186 13.71 -17.49 -12.54
CA SER B 186 14.04 -16.22 -11.91
C SER B 186 14.80 -16.52 -10.64
N GLN B 187 15.81 -15.68 -10.37
CA GLN B 187 16.60 -15.82 -9.16
C GLN B 187 15.70 -15.53 -7.96
N ALA B 188 14.60 -14.80 -8.18
CA ALA B 188 13.70 -14.46 -7.11
C ALA B 188 13.01 -15.72 -6.59
N ALA B 189 12.87 -16.72 -7.48
CA ALA B 189 12.41 -18.03 -7.04
C ALA B 189 13.54 -18.80 -6.34
N ASP B 190 14.71 -18.89 -6.99
CA ASP B 190 15.78 -19.69 -6.42
C ASP B 190 16.15 -19.15 -5.04
N LYS B 191 16.21 -17.82 -4.89
CA LYS B 191 16.80 -17.29 -3.67
C LYS B 191 15.74 -16.84 -2.67
N PHE B 192 14.45 -16.94 -3.03
CA PHE B 192 13.40 -16.50 -2.11
C PHE B 192 12.17 -17.42 -2.20
N GLY B 193 11.50 -17.40 -3.36
CA GLY B 193 10.23 -18.09 -3.53
C GLY B 193 10.31 -19.59 -3.22
N ASN B 194 11.44 -20.21 -3.55
CA ASN B 194 11.54 -21.66 -3.44
C ASN B 194 12.31 -22.08 -2.17
N THR B 195 12.70 -21.12 -1.33
CA THR B 195 13.35 -21.52 -0.09
C THR B 195 12.31 -22.21 0.80
N GLU B 196 12.80 -23.06 1.71
CA GLU B 196 11.96 -23.81 2.64
C GLU B 196 11.06 -22.87 3.45
N ALA B 197 11.65 -21.83 4.05
CA ALA B 197 10.85 -20.93 4.87
C ALA B 197 9.67 -20.35 4.07
N VAL B 198 9.86 -20.01 2.79
CA VAL B 198 8.75 -19.36 2.10
C VAL B 198 7.76 -20.34 1.47
N ARG B 199 8.23 -21.53 1.08
CA ARG B 199 7.29 -22.57 0.71
C ARG B 199 6.36 -22.86 1.90
N LYS B 200 6.89 -22.85 3.13
CA LYS B 200 6.05 -23.11 4.29
C LYS B 200 4.95 -22.05 4.43
N ILE B 201 5.33 -20.78 4.28
CA ILE B 201 4.34 -19.70 4.30
C ILE B 201 3.26 -19.97 3.27
N MET B 202 3.66 -20.29 2.03
CA MET B 202 2.70 -20.44 0.94
C MET B 202 1.76 -21.62 1.23
N PHE B 203 2.33 -22.74 1.69
CA PHE B 203 1.54 -23.95 1.95
C PHE B 203 0.62 -23.72 3.14
N ALA B 204 1.08 -22.95 4.13
CA ALA B 204 0.20 -22.60 5.25
C ALA B 204 -1.01 -21.77 4.79
N LEU B 205 -0.80 -20.81 3.88
CA LEU B 205 -1.89 -19.99 3.32
C LEU B 205 -2.87 -20.92 2.62
N ASN B 206 -2.30 -21.87 1.86
CA ASN B 206 -3.12 -22.83 1.14
C ASN B 206 -3.92 -23.69 2.12
N ARG B 207 -3.30 -24.12 3.22
CA ARG B 207 -4.00 -24.92 4.23
C ARG B 207 -5.18 -24.11 4.75
N PHE B 208 -4.88 -22.88 5.19
CA PHE B 208 -5.91 -22.00 5.72
C PHE B 208 -7.04 -21.76 4.72
N MET B 209 -6.70 -21.44 3.45
CA MET B 209 -7.79 -21.10 2.57
C MET B 209 -8.50 -22.37 2.09
N GLY B 210 -8.05 -23.55 2.57
CA GLY B 210 -8.82 -24.78 2.40
C GLY B 210 -9.86 -25.00 3.51
N ASN B 211 -9.97 -24.07 4.48
CA ASN B 211 -10.85 -24.27 5.62
C ASN B 211 -12.31 -24.39 5.14
N LYS B 212 -13.16 -24.96 5.99
CA LYS B 212 -14.51 -25.36 5.61
C LYS B 212 -15.41 -24.14 5.39
N TYR B 213 -14.96 -22.92 5.74
CA TYR B 213 -15.73 -21.72 5.43
C TYR B 213 -15.18 -20.96 4.21
N SER B 214 -14.20 -21.54 3.52
CA SER B 214 -13.54 -20.80 2.46
C SER B 214 -14.25 -21.03 1.13
N ASN B 215 -14.42 -19.94 0.40
CA ASN B 215 -14.99 -19.98 -0.93
C ASN B 215 -13.91 -19.81 -2.00
N ILE B 216 -12.63 -19.77 -1.62
CA ILE B 216 -11.63 -19.53 -2.64
C ILE B 216 -10.60 -20.66 -2.68
N ASP B 217 -10.26 -21.03 -3.92
CA ASP B 217 -9.44 -22.17 -4.25
C ASP B 217 -8.09 -21.68 -4.77
N LEU B 218 -7.03 -21.89 -3.98
CA LEU B 218 -5.69 -21.39 -4.27
C LEU B 218 -4.92 -22.37 -5.14
N GLY B 219 -5.50 -23.57 -5.37
CA GLY B 219 -5.03 -24.45 -6.42
C GLY B 219 -4.14 -25.61 -5.94
N LEU B 220 -4.19 -25.94 -4.63
CA LEU B 220 -3.45 -27.07 -4.11
C LEU B 220 -4.39 -28.07 -3.42
N THR B 221 -5.68 -28.10 -3.77
CA THR B 221 -6.58 -29.00 -3.06
C THR B 221 -6.25 -30.46 -3.37
N GLN B 222 -5.63 -30.73 -4.52
CA GLN B 222 -5.25 -32.09 -4.89
C GLN B 222 -4.25 -32.69 -3.89
N TRP B 223 -3.63 -31.84 -3.08
CA TRP B 223 -2.66 -32.27 -2.08
C TRP B 223 -3.31 -32.53 -0.72
N GLY B 224 -4.63 -32.38 -0.62
CA GLY B 224 -5.31 -32.60 0.65
C GLY B 224 -5.84 -31.30 1.30
N PHE B 225 -5.51 -30.12 0.75
CA PHE B 225 -5.85 -28.86 1.44
C PHE B 225 -7.31 -28.44 1.26
N LYS B 226 -8.25 -29.32 1.62
CA LYS B 226 -9.64 -28.97 1.78
C LYS B 226 -10.13 -29.57 3.11
N GLN B 227 -10.51 -28.75 4.07
CA GLN B 227 -11.03 -29.23 5.35
C GLN B 227 -12.43 -29.79 5.10
N LEU B 228 -12.73 -31.00 5.61
CA LEU B 228 -14.05 -31.60 5.49
C LEU B 228 -15.05 -30.89 6.39
N PRO B 229 -16.36 -30.89 6.05
CA PRO B 229 -17.36 -30.17 6.85
C PRO B 229 -17.39 -30.49 8.36
N ASN B 230 -17.13 -31.75 8.72
CA ASN B 230 -17.17 -32.16 10.12
C ASN B 230 -15.78 -32.42 10.69
N GLU B 231 -14.71 -32.06 9.97
CA GLU B 231 -13.35 -32.24 10.46
C GLU B 231 -12.96 -31.01 11.28
N SER B 232 -12.38 -31.21 12.47
CA SER B 232 -11.88 -30.06 13.22
C SER B 232 -10.61 -29.52 12.56
N TYR B 233 -10.30 -28.25 12.82
CA TYR B 233 -9.09 -27.63 12.29
C TYR B 233 -7.85 -28.39 12.78
N ILE B 234 -7.86 -28.79 14.06
CA ILE B 234 -6.80 -29.58 14.65
C ILE B 234 -6.56 -30.85 13.84
N ASP B 235 -7.63 -31.56 13.49
CA ASP B 235 -7.49 -32.82 12.76
C ASP B 235 -7.03 -32.52 11.33
N TYR B 236 -7.51 -31.39 10.77
CA TYR B 236 -7.13 -30.98 9.43
C TYR B 236 -5.62 -30.75 9.39
N ILE B 237 -5.11 -29.96 10.36
CA ILE B 237 -3.68 -29.69 10.43
C ILE B 237 -2.92 -31.01 10.42
N LYS B 238 -3.37 -31.94 11.29
CA LYS B 238 -2.65 -33.19 11.47
C LYS B 238 -2.68 -33.97 10.16
N ARG B 239 -3.84 -33.97 9.51
CA ARG B 239 -4.00 -34.78 8.27
C ARG B 239 -3.15 -34.25 7.12
N VAL B 240 -3.03 -32.92 6.98
CA VAL B 240 -2.37 -32.43 5.78
C VAL B 240 -0.87 -32.27 6.02
N SER B 241 -0.42 -32.35 7.29
CA SER B 241 1.01 -32.35 7.53
C SER B 241 1.65 -33.64 7.02
N LYS B 242 0.85 -34.65 6.67
CA LYS B 242 1.39 -35.86 6.09
C LYS B 242 1.53 -35.74 4.57
N SER B 243 0.91 -34.70 3.99
CA SER B 243 0.93 -34.57 2.55
C SER B 243 2.37 -34.44 2.04
N LYS B 244 2.61 -34.94 0.82
CA LYS B 244 3.94 -34.80 0.23
C LYS B 244 4.20 -33.37 -0.29
N ILE B 245 3.19 -32.47 -0.25
CA ILE B 245 3.35 -31.13 -0.80
C ILE B 245 4.55 -30.46 -0.15
N TRP B 246 4.74 -30.71 1.16
CA TRP B 246 5.74 -29.99 1.94
C TRP B 246 7.16 -30.18 1.42
N THR B 247 7.44 -31.29 0.73
CA THR B 247 8.80 -31.58 0.28
C THR B 247 8.81 -31.80 -1.24
N SER B 248 7.68 -31.64 -1.92
CA SER B 248 7.65 -31.95 -3.34
C SER B 248 8.22 -30.80 -4.19
N ASP B 249 8.70 -31.13 -5.39
CA ASP B 249 9.06 -30.19 -6.45
C ASP B 249 7.87 -29.96 -7.38
N ASP B 250 6.77 -30.69 -7.19
CA ASP B 250 5.61 -30.50 -8.04
C ASP B 250 4.80 -29.30 -7.54
N ASN B 251 5.42 -28.10 -7.58
CA ASN B 251 4.72 -26.86 -7.24
C ASN B 251 5.31 -25.69 -8.05
N ALA B 252 4.66 -24.52 -7.98
CA ALA B 252 5.01 -23.36 -8.79
C ALA B 252 6.39 -22.85 -8.39
N ALA B 253 6.65 -22.80 -7.09
CA ALA B 253 7.89 -22.18 -6.62
C ALA B 253 9.09 -22.91 -7.20
N TYR B 254 9.02 -24.25 -7.27
CA TYR B 254 10.10 -25.01 -7.89
C TYR B 254 10.21 -24.68 -9.39
N ASP B 255 9.06 -24.70 -10.07
CA ASP B 255 9.03 -24.55 -11.51
C ASP B 255 9.55 -23.19 -11.95
N LEU B 256 9.53 -22.20 -11.06
CA LEU B 256 9.93 -20.85 -11.42
C LEU B 256 11.43 -20.65 -11.20
N THR B 257 12.12 -21.64 -10.60
CA THR B 257 13.55 -21.52 -10.40
C THR B 257 14.27 -21.66 -11.75
N LEU B 258 15.56 -21.29 -11.82
CA LEU B 258 16.34 -21.51 -13.04
C LEU B 258 16.30 -22.99 -13.44
N ASP B 259 16.51 -23.91 -12.49
CA ASP B 259 16.49 -25.34 -12.82
C ASP B 259 15.09 -25.78 -13.26
N GLY B 260 14.07 -25.37 -12.51
CA GLY B 260 12.72 -25.83 -12.83
C GLY B 260 12.30 -25.39 -14.23
N SER B 261 12.71 -24.17 -14.63
CA SER B 261 12.31 -23.65 -15.92
C SER B 261 13.13 -24.30 -17.05
N ALA B 262 14.43 -24.55 -16.77
CA ALA B 262 15.29 -25.22 -17.73
C ALA B 262 14.73 -26.61 -18.02
N LYS B 263 14.27 -27.33 -16.99
CA LYS B 263 13.64 -28.65 -17.21
C LYS B 263 12.50 -28.52 -18.20
N LEU B 264 11.71 -27.45 -18.08
CA LEU B 264 10.60 -27.32 -19.01
C LEU B 264 11.13 -27.02 -20.42
N ASN B 265 12.17 -26.19 -20.52
CA ASN B 265 12.75 -25.89 -21.83
C ASN B 265 13.25 -27.19 -22.48
N ASN B 266 13.87 -28.07 -21.69
CA ASN B 266 14.47 -29.29 -22.20
C ASN B 266 13.43 -30.28 -22.68
N MET B 267 12.16 -30.15 -22.30
CA MET B 267 11.21 -31.17 -22.74
C MET B 267 10.16 -30.54 -23.67
N THR B 268 10.34 -29.28 -24.06
CA THR B 268 9.41 -28.69 -25.01
C THR B 268 10.15 -28.48 -26.32
N SER B 269 9.40 -28.26 -27.39
CA SER B 269 9.98 -28.11 -28.72
C SER B 269 9.12 -27.08 -29.43
N MET B 270 9.63 -26.48 -30.51
CA MET B 270 8.85 -25.58 -31.34
C MET B 270 7.86 -26.37 -32.19
N ASN B 271 6.61 -25.90 -32.29
CA ASN B 271 5.66 -26.39 -33.26
C ASN B 271 5.71 -25.47 -34.46
N PRO B 272 6.04 -25.97 -35.68
CA PRO B 272 6.26 -25.09 -36.83
C PRO B 272 4.95 -24.48 -37.35
N ASN B 273 3.81 -24.93 -36.83
CA ASN B 273 2.53 -24.34 -37.25
C ASN B 273 2.03 -23.28 -36.27
N ILE B 274 2.74 -23.05 -35.17
CA ILE B 274 2.24 -22.09 -34.18
C ILE B 274 3.00 -20.78 -34.31
N THR B 275 2.30 -19.65 -34.13
CA THR B 275 2.96 -18.35 -34.09
C THR B 275 3.32 -18.02 -32.64
N TYR B 276 4.62 -17.86 -32.42
CA TYR B 276 5.15 -17.58 -31.09
C TYR B 276 5.60 -16.13 -31.00
N THR B 277 5.21 -15.45 -29.91
CA THR B 277 5.65 -14.09 -29.63
C THR B 277 5.83 -13.83 -28.13
N THR B 278 6.88 -13.08 -27.77
CA THR B 278 7.15 -12.70 -26.40
C THR B 278 7.20 -11.18 -26.23
N TYR B 279 6.81 -10.73 -25.03
CA TYR B 279 7.00 -9.35 -24.60
C TYR B 279 7.72 -9.36 -23.27
N THR B 280 8.49 -8.31 -23.00
CA THR B 280 9.38 -8.25 -21.86
C THR B 280 9.38 -6.80 -21.37
N GLY B 281 9.46 -6.60 -20.05
CA GLY B 281 9.54 -5.26 -19.52
C GLY B 281 10.86 -5.03 -18.79
N VAL B 282 11.27 -3.76 -18.67
CA VAL B 282 12.41 -3.42 -17.83
C VAL B 282 11.95 -2.34 -16.87
N SER B 283 12.34 -2.47 -15.61
CA SER B 283 11.92 -1.52 -14.60
C SER B 283 13.04 -1.38 -13.58
N SER B 284 14.28 -1.63 -14.04
CA SER B 284 15.47 -1.41 -13.24
C SER B 284 16.44 -0.50 -14.01
N HIS B 285 17.45 0.03 -13.32
CA HIS B 285 18.42 0.94 -13.92
C HIS B 285 19.78 0.60 -13.32
N THR B 286 20.84 0.85 -14.11
CA THR B 286 22.21 0.49 -13.76
C THR B 286 22.77 1.52 -12.78
N GLY B 287 23.43 1.04 -11.73
CA GLY B 287 24.13 1.87 -10.76
C GLY B 287 25.61 1.99 -11.14
N PRO B 288 26.44 2.69 -10.33
CA PRO B 288 27.84 2.92 -10.71
C PRO B 288 28.67 1.63 -10.77
N LEU B 289 28.29 0.60 -9.98
CA LEU B 289 29.03 -0.66 -9.96
C LEU B 289 28.56 -1.62 -11.05
N GLY B 290 27.60 -1.20 -11.88
CA GLY B 290 27.01 -2.08 -12.89
C GLY B 290 25.91 -3.01 -12.35
N TYR B 291 25.43 -2.77 -11.11
CA TYR B 291 24.30 -3.53 -10.59
C TYR B 291 22.99 -2.86 -11.00
N GLU B 292 21.87 -3.61 -10.97
CA GLU B 292 20.58 -3.04 -11.31
C GLU B 292 19.73 -2.86 -10.04
N ASN B 293 19.07 -1.69 -9.96
CA ASN B 293 18.18 -1.37 -8.86
C ASN B 293 16.81 -1.05 -9.44
N PRO B 294 15.71 -1.30 -8.68
CA PRO B 294 14.36 -1.05 -9.20
C PRO B 294 14.16 0.44 -9.45
N ASP B 295 13.51 0.80 -10.56
CA ASP B 295 13.08 2.17 -10.78
C ASP B 295 12.03 2.55 -9.72
N LEU B 296 11.98 3.85 -9.40
CA LEU B 296 10.80 4.45 -8.78
C LEU B 296 9.65 4.01 -9.67
N GLY B 297 8.57 3.48 -9.12
CA GLY B 297 7.56 3.10 -10.10
C GLY B 297 7.41 1.60 -10.28
N THR B 298 8.50 0.85 -9.97
CA THR B 298 8.38 -0.59 -9.79
C THR B 298 7.42 -0.78 -8.63
N PHE B 299 6.36 -1.56 -8.83
CA PHE B 299 5.44 -1.83 -7.75
C PHE B 299 6.23 -2.28 -6.52
N PHE B 300 5.99 -1.63 -5.37
CA PHE B 300 6.86 -1.68 -4.21
C PHE B 300 7.07 -3.12 -3.70
N LEU B 301 6.10 -4.02 -3.88
CA LEU B 301 6.26 -5.37 -3.35
C LEU B 301 7.35 -6.14 -4.09
N MET B 302 7.88 -5.56 -5.19
CA MET B 302 8.94 -6.21 -5.95
C MET B 302 10.29 -5.55 -5.71
N ASP B 303 10.40 -4.62 -4.75
CA ASP B 303 11.63 -3.88 -4.55
C ASP B 303 12.78 -4.82 -4.19
N THR B 304 12.56 -5.73 -3.23
CA THR B 304 13.62 -6.62 -2.77
C THR B 304 13.95 -7.67 -3.84
N THR B 305 12.91 -8.28 -4.44
CA THR B 305 13.15 -9.26 -5.47
C THR B 305 13.96 -8.62 -6.62
N SER B 306 13.66 -7.37 -6.98
CA SER B 306 14.36 -6.64 -8.03
C SER B 306 15.85 -6.53 -7.67
N ARG B 307 16.13 -6.18 -6.41
CA ARG B 307 17.51 -6.01 -5.96
C ARG B 307 18.24 -7.35 -5.97
N ILE B 308 17.57 -8.44 -5.61
CA ILE B 308 18.22 -9.74 -5.59
C ILE B 308 18.65 -10.10 -7.02
N ILE B 309 17.74 -9.96 -7.98
CA ILE B 309 18.03 -10.23 -9.37
C ILE B 309 19.13 -9.29 -9.86
N GLY B 310 19.00 -8.00 -9.50
CA GLY B 310 19.85 -6.93 -10.01
C GLY B 310 21.30 -7.01 -9.51
N HIS B 311 21.52 -7.78 -8.44
CA HIS B 311 22.86 -7.90 -7.86
C HIS B 311 23.46 -9.26 -8.21
N ASP B 312 22.95 -9.90 -9.27
CA ASP B 312 23.48 -11.19 -9.69
C ASP B 312 24.97 -11.08 -10.04
N ALA B 313 25.73 -12.16 -9.78
CA ALA B 313 27.11 -12.27 -10.22
C ALA B 313 27.21 -12.12 -11.74
N ARG B 314 26.30 -12.73 -12.49
CA ARG B 314 26.33 -12.71 -13.95
C ARG B 314 25.59 -11.45 -14.44
N GLU B 315 26.35 -10.57 -15.08
CA GLU B 315 25.88 -9.26 -15.51
C GLU B 315 24.65 -9.35 -16.43
N GLU B 316 24.60 -10.36 -17.29
CA GLU B 316 23.51 -10.42 -18.24
C GLU B 316 22.21 -10.92 -17.58
N TRP B 317 22.28 -11.34 -16.30
CA TRP B 317 21.12 -11.79 -15.54
C TRP B 317 20.57 -10.71 -14.61
N ARG B 318 21.00 -9.45 -14.79
CA ARG B 318 20.70 -8.39 -13.84
C ARG B 318 19.46 -7.57 -14.20
N LYS B 319 19.33 -7.10 -15.45
CA LYS B 319 18.24 -6.21 -15.80
C LYS B 319 16.93 -6.97 -15.66
N ASN B 320 15.87 -6.30 -15.16
CA ASN B 320 14.70 -7.06 -14.73
C ASN B 320 13.44 -6.20 -14.69
N ASP B 321 12.28 -6.85 -14.56
CA ASP B 321 10.98 -6.17 -14.51
C ASP B 321 10.46 -6.12 -13.06
N GLY B 322 11.34 -6.40 -12.08
CA GLY B 322 10.88 -6.54 -10.71
C GLY B 322 11.04 -7.97 -10.15
N VAL B 323 10.67 -8.98 -10.94
CA VAL B 323 10.79 -10.36 -10.48
C VAL B 323 11.27 -11.29 -11.59
N VAL B 324 11.31 -10.82 -12.85
CA VAL B 324 11.84 -11.63 -13.94
C VAL B 324 12.95 -10.87 -14.65
N PRO B 325 14.17 -11.46 -14.74
CA PRO B 325 15.28 -10.83 -15.45
C PRO B 325 14.97 -10.86 -16.94
N VAL B 326 15.41 -9.82 -17.64
CA VAL B 326 15.17 -9.66 -19.08
C VAL B 326 15.55 -10.94 -19.83
N ILE B 327 16.73 -11.54 -19.53
CA ILE B 327 17.16 -12.72 -20.29
C ILE B 327 16.22 -13.88 -20.05
N SER B 328 15.38 -13.83 -19.01
CA SER B 328 14.47 -14.95 -18.81
C SER B 328 13.23 -14.80 -19.69
N SER B 329 12.79 -13.54 -19.86
CA SER B 329 11.52 -13.22 -20.50
C SER B 329 11.60 -13.21 -22.03
N LEU B 330 12.78 -12.88 -22.60
CA LEU B 330 12.94 -12.71 -24.05
C LEU B 330 12.49 -13.96 -24.82
N HIS B 331 12.97 -15.14 -24.40
CA HIS B 331 12.66 -16.40 -25.07
C HIS B 331 13.29 -17.56 -24.30
N PRO B 332 12.78 -18.80 -24.38
CA PRO B 332 13.50 -19.93 -23.78
C PRO B 332 14.92 -19.97 -24.36
N SER B 333 15.93 -20.20 -23.50
CA SER B 333 17.32 -20.00 -23.92
C SER B 333 17.77 -20.98 -25.00
N ASN B 334 17.10 -22.13 -25.12
CA ASN B 334 17.57 -23.15 -26.04
C ASN B 334 16.66 -23.23 -27.27
N GLN B 335 15.78 -22.24 -27.48
CA GLN B 335 14.81 -22.36 -28.55
C GLN B 335 15.04 -21.22 -29.55
N PRO B 336 14.69 -21.42 -30.85
CA PRO B 336 14.96 -20.40 -31.86
C PRO B 336 14.10 -19.15 -31.66
N PHE B 337 14.71 -17.99 -31.91
CA PHE B 337 14.03 -16.71 -31.77
C PHE B 337 14.51 -15.75 -32.85
N VAL B 338 13.73 -14.68 -33.08
CA VAL B 338 14.14 -13.58 -33.93
C VAL B 338 13.62 -12.29 -33.29
N ASN B 339 14.49 -11.30 -33.15
CA ASN B 339 14.10 -9.97 -32.72
C ASN B 339 13.28 -9.30 -33.80
N VAL B 340 12.14 -8.81 -33.38
CA VAL B 340 11.16 -8.22 -34.27
C VAL B 340 11.01 -6.76 -33.83
N THR B 341 10.62 -5.93 -34.79
CA THR B 341 10.36 -4.51 -34.56
C THR B 341 8.90 -4.39 -34.11
N ASN B 342 8.49 -3.24 -33.56
CA ASN B 342 7.08 -3.01 -33.28
C ASN B 342 6.17 -3.05 -34.51
N ASN B 343 6.72 -2.70 -35.69
CA ASN B 343 5.85 -2.59 -36.86
C ASN B 343 5.79 -3.88 -37.69
N GLU B 344 6.70 -4.84 -37.51
CA GLU B 344 6.63 -6.04 -38.34
C GLU B 344 5.38 -6.82 -38.01
N PRO B 345 4.64 -7.35 -39.01
CA PRO B 345 3.55 -8.29 -38.74
C PRO B 345 4.19 -9.47 -38.00
N ALA B 346 3.59 -9.86 -36.89
CA ALA B 346 4.24 -10.87 -36.08
C ALA B 346 3.69 -12.24 -36.50
N THR B 347 3.95 -12.62 -37.76
CA THR B 347 3.19 -13.69 -38.37
C THR B 347 4.09 -14.85 -38.79
N ARG B 348 5.38 -14.81 -38.43
CA ARG B 348 6.27 -15.95 -38.60
C ARG B 348 5.84 -17.07 -37.65
N ARG B 349 5.95 -18.30 -38.15
CA ARG B 349 5.51 -19.46 -37.34
C ARG B 349 6.73 -20.32 -36.99
N GLY B 350 6.73 -20.90 -35.80
CA GLY B 350 7.79 -21.84 -35.42
C GLY B 350 8.99 -21.18 -34.75
N ILE B 351 8.92 -19.89 -34.43
CA ILE B 351 10.11 -19.21 -33.92
C ILE B 351 9.67 -18.11 -32.97
N TRP B 352 10.36 -17.97 -31.84
CA TRP B 352 9.94 -16.97 -30.87
C TRP B 352 10.19 -15.57 -31.46
N GLN B 353 9.12 -14.84 -31.76
CA GLN B 353 9.24 -13.46 -32.20
C GLN B 353 9.35 -12.55 -30.98
N VAL B 354 10.55 -12.01 -30.73
CA VAL B 354 10.77 -11.22 -29.54
C VAL B 354 10.59 -9.72 -29.79
N LYS B 355 9.54 -9.20 -29.15
CA LYS B 355 9.07 -7.85 -29.30
C LYS B 355 10.02 -6.91 -28.56
N PRO B 356 10.19 -5.64 -28.98
CA PRO B 356 11.11 -4.73 -28.28
C PRO B 356 10.66 -4.54 -26.83
N ILE B 357 11.62 -4.49 -25.92
CA ILE B 357 11.41 -4.39 -24.50
C ILE B 357 10.60 -3.13 -24.18
N LEU B 358 9.63 -3.26 -23.26
CA LEU B 358 8.81 -2.13 -22.84
C LEU B 358 9.51 -1.43 -21.67
N GLN B 359 10.04 -0.22 -21.93
CA GLN B 359 10.83 0.53 -20.97
C GLN B 359 9.91 1.07 -19.90
N GLY B 360 10.25 0.86 -18.61
CA GLY B 360 9.42 1.37 -17.52
C GLY B 360 8.28 0.42 -17.12
N TRP B 361 8.06 -0.67 -17.87
CA TRP B 361 7.02 -1.65 -17.51
C TRP B 361 7.57 -2.70 -16.56
N ASP B 362 7.07 -2.70 -15.32
CA ASP B 362 7.42 -3.76 -14.39
C ASP B 362 6.52 -4.95 -14.67
N HIS B 363 6.76 -6.04 -13.93
CA HIS B 363 6.08 -7.32 -14.09
C HIS B 363 4.56 -7.16 -14.06
N VAL B 364 4.03 -6.28 -13.20
CA VAL B 364 2.58 -6.21 -13.06
C VAL B 364 1.99 -5.06 -13.86
N ASP B 365 2.85 -4.18 -14.42
CA ASP B 365 2.33 -3.16 -15.32
C ASP B 365 1.69 -3.84 -16.54
N PHE B 366 2.16 -5.04 -16.90
CA PHE B 366 1.58 -5.79 -18.02
C PHE B 366 0.11 -6.11 -17.81
N ILE B 367 -0.36 -6.17 -16.54
CA ILE B 367 -1.75 -6.51 -16.29
C ILE B 367 -2.48 -5.35 -15.60
N GLY B 368 -1.80 -4.20 -15.51
CA GLY B 368 -2.47 -2.97 -15.16
C GLY B 368 -2.77 -2.82 -13.68
N VAL B 369 -2.16 -3.65 -12.81
CA VAL B 369 -2.59 -3.65 -11.41
C VAL B 369 -1.71 -2.72 -10.56
N ASP B 370 -0.71 -2.05 -11.17
CA ASP B 370 0.13 -1.20 -10.35
C ASP B 370 -0.58 0.14 -10.16
N PHE B 371 -1.45 0.21 -9.13
CA PHE B 371 -2.30 1.37 -8.90
C PHE B 371 -1.46 2.54 -8.38
N LEU B 372 -0.21 2.30 -7.99
CA LEU B 372 0.65 3.36 -7.49
C LEU B 372 1.45 4.03 -8.61
N ASP B 373 1.32 3.58 -9.86
CA ASP B 373 2.21 4.04 -10.92
C ASP B 373 1.43 4.85 -11.97
N PHE B 374 1.46 6.18 -11.85
CA PHE B 374 0.62 7.05 -12.68
C PHE B 374 1.24 7.21 -14.08
N LYS B 375 2.52 6.84 -14.24
CA LYS B 375 3.13 6.88 -15.57
C LYS B 375 2.51 5.82 -16.49
N ARG B 376 1.92 4.76 -15.92
CA ARG B 376 1.41 3.69 -16.76
C ARG B 376 -0.10 3.84 -16.83
N LYS B 377 -0.62 4.38 -17.95
CA LYS B 377 -2.01 4.81 -18.03
C LYS B 377 -2.86 3.74 -18.69
N GLY B 378 -4.17 3.82 -18.41
CA GLY B 378 -5.14 2.91 -19.02
C GLY B 378 -5.05 2.93 -20.54
N SER B 379 -4.85 4.12 -21.11
CA SER B 379 -4.93 4.25 -22.57
C SER B 379 -3.71 3.56 -23.21
N GLU B 380 -2.56 3.61 -22.54
CA GLU B 380 -1.39 2.86 -22.97
C GLU B 380 -1.69 1.36 -22.94
N LEU B 381 -2.31 0.89 -21.83
CA LEU B 381 -2.54 -0.54 -21.67
C LEU B 381 -3.54 -1.03 -22.70
N ALA B 382 -4.60 -0.24 -22.94
CA ALA B 382 -5.55 -0.51 -24.02
C ALA B 382 -4.82 -0.69 -25.36
N ASN B 383 -3.88 0.22 -25.71
CA ASN B 383 -3.17 0.12 -26.99
C ASN B 383 -2.39 -1.19 -27.04
N PHE B 384 -1.76 -1.55 -25.92
CA PHE B 384 -0.95 -2.75 -25.85
C PHE B 384 -1.80 -4.00 -26.12
N TYR B 385 -2.97 -4.10 -25.48
CA TYR B 385 -3.80 -5.29 -25.63
C TYR B 385 -4.39 -5.33 -27.04
N ILE B 386 -4.83 -4.18 -27.56
CA ILE B 386 -5.40 -4.11 -28.91
C ILE B 386 -4.33 -4.51 -29.93
N GLY B 387 -3.09 -4.07 -29.69
CA GLY B 387 -1.97 -4.51 -30.53
C GLY B 387 -1.77 -6.02 -30.52
N ILE B 388 -1.99 -6.70 -29.38
CA ILE B 388 -1.90 -8.15 -29.34
C ILE B 388 -3.01 -8.75 -30.22
N ILE B 389 -4.23 -8.22 -30.07
CA ILE B 389 -5.37 -8.72 -30.82
C ILE B 389 -5.14 -8.50 -32.33
N ASN B 390 -4.56 -7.34 -32.71
CA ASN B 390 -4.23 -7.08 -34.10
C ASN B 390 -3.28 -8.15 -34.65
N ASP B 391 -2.21 -8.46 -33.91
CA ASP B 391 -1.30 -9.54 -34.27
C ASP B 391 -2.07 -10.85 -34.43
N LEU B 392 -2.97 -11.15 -33.49
CA LEU B 392 -3.72 -12.40 -33.53
C LEU B 392 -4.61 -12.46 -34.77
N LEU B 393 -5.29 -11.36 -35.07
CA LEU B 393 -6.07 -11.22 -36.30
C LEU B 393 -5.19 -11.50 -37.53
N SER B 394 -3.94 -11.00 -37.51
CA SER B 394 -3.10 -11.17 -38.68
C SER B 394 -2.60 -12.62 -38.77
N VAL B 395 -2.49 -13.33 -37.64
CA VAL B 395 -2.19 -14.75 -37.65
C VAL B 395 -3.31 -15.49 -38.40
N GLU B 396 -4.56 -15.14 -38.09
CA GLU B 396 -5.73 -15.76 -38.69
C GLU B 396 -5.76 -15.44 -40.19
N ALA B 397 -5.43 -14.19 -40.55
CA ALA B 397 -5.52 -13.74 -41.93
C ALA B 397 -4.43 -14.39 -42.79
N THR B 398 -3.31 -14.81 -42.20
CA THR B 398 -2.22 -15.34 -42.98
C THR B 398 -2.15 -16.86 -42.82
N GLU B 399 -3.26 -17.50 -42.44
CA GLU B 399 -3.36 -18.94 -42.56
C GLU B 399 -3.62 -19.31 -44.04
C FMT C . -21.85 23.73 18.70
O1 FMT C . -20.90 23.24 18.10
O2 FMT C . -22.09 23.62 20.06
C1 OCA D . -20.71 -9.68 24.37
C2 OCA D . -20.24 -10.68 23.33
C3 OCA D . -18.85 -10.46 22.73
C4 OCA D . -18.82 -10.58 21.19
C5 OCA D . -17.46 -11.05 20.61
C6 OCA D . -17.43 -11.49 19.12
C7 OCA D . -18.08 -10.68 17.98
C8 OCA D . -17.94 -11.12 16.51
O1 OCA D . -21.16 -10.11 25.47
O2 OCA D . -20.65 -8.47 24.10
C1 OCA E . 0.60 -1.75 8.20
C2 OCA E . 0.71 -3.27 8.17
C3 OCA E . 2.10 -3.80 8.33
C4 OCA E . 2.22 -5.25 7.89
C5 OCA E . 3.14 -5.45 6.71
C6 OCA E . 4.50 -6.00 7.05
C7 OCA E . 5.61 -4.98 7.02
C8 OCA E . 6.78 -5.35 6.13
O1 OCA E . -0.16 -1.23 9.03
O2 OCA E . 1.28 -1.10 7.39
C1 PPI F . -3.60 12.54 6.10
C2 PPI F . -2.35 11.74 5.75
C3 PPI F . -2.50 10.35 5.17
O1 PPI F . -3.58 13.29 7.13
O2 PPI F . -4.60 12.42 5.34
C ACY G . -8.67 7.99 -2.68
O ACY G . -8.12 7.44 -1.71
OXT ACY G . -9.08 9.18 -2.67
CH3 ACY G . -8.89 7.14 -3.96
C1 4I1 H . -0.71 10.65 9.49
C2 4I1 H . -0.60 11.95 10.29
C3 4I1 H . -0.76 13.30 9.59
C4 4I1 H . -1.27 14.40 10.53
C5 4I1 H . -2.02 15.60 9.82
O1 4I1 H . -0.77 9.56 10.10
O2 4I1 H . -0.74 10.73 8.26
C6 4I1 H . -2.49 16.62 10.83
C7 4I1 H . -3.44 17.42 10.71
C8 4I1 H . -4.31 17.59 9.50
C9 4I1 H . -3.79 18.39 8.35
C10 4I1 H . -4.88 18.74 7.33
C11 4I1 H . -5.90 17.64 7.14
C12 4I1 H . -7.13 18.06 6.37
C13 4I1 H . -8.32 17.08 6.44
C14 4I1 H . -8.12 15.66 5.89
C15 4I1 H . -9.33 14.73 6.14
C16 4I1 H . -9.08 13.22 6.32
C17 4I1 H . -10.33 12.44 6.76
C18 4I1 H . -10.33 11.04 7.39
O1 DAO I . -19.51 -0.49 13.85
O2 DAO I . -20.14 1.09 15.35
C1 DAO I . -19.92 0.69 14.16
C2 DAO I . -20.22 1.64 13.02
C3 DAO I . -19.98 1.08 11.60
C4 DAO I . -20.33 2.07 10.46
C5 DAO I . -19.97 1.54 9.08
C6 DAO I . -19.40 0.11 8.96
C7 DAO I . -18.73 -0.15 7.60
C8 DAO I . -17.58 -1.15 7.60
C9 DAO I . -16.52 -0.96 6.51
C10 DAO I . -15.09 -1.40 6.88
C11 DAO I . -13.96 -0.42 6.55
C12 DAO I . -12.54 -0.95 6.43
CA 6NA J . -7.25 4.70 13.47
C 6NA J . -6.57 5.86 12.74
O 6NA J . -5.94 6.75 13.39
CB 6NA J . -7.06 3.32 12.86
CG 6NA J . -7.83 2.21 13.56
CD 6NA J . -7.43 0.81 13.11
C6 6NA J . -8.16 -0.40 13.71
OXT 6NA J . -6.68 5.88 11.50
C FMT K . 3.69 7.40 -3.01
O1 FMT K . 2.58 6.93 -2.78
O2 FMT K . 4.61 8.01 -2.11
C FMT L . 10.28 10.59 4.06
O1 FMT L . 10.71 11.28 4.99
O2 FMT L . 8.98 9.98 3.87
C FMT M . -5.23 10.14 24.55
O1 FMT M . -5.93 10.22 23.55
O2 FMT M . -4.03 9.43 24.68
C FMT N . -10.30 27.11 19.48
O1 FMT N . -11.17 27.82 19.01
O2 FMT N . -9.36 26.43 18.74
CL CL O . 1.23 24.91 36.26
CL CL P . -10.87 2.51 24.28
MG MG Q . -2.90 -0.98 22.63
ZN ZN R . -14.21 19.91 23.95
CA CA S . 6.44 11.68 -0.42
C1 GOL T . -23.68 9.72 4.42
O1 GOL T . -23.27 9.99 3.08
C2 GOL T . -24.86 10.57 4.86
O2 GOL T . -25.48 9.95 5.99
C3 GOL T . -24.50 12.01 5.17
O3 GOL T . -24.45 12.82 3.99
CA 6NA U . 8.76 -8.61 0.09
C 6NA U . 8.95 -7.38 0.99
O 6NA U . 7.93 -6.78 1.39
CB 6NA U . 7.36 -9.21 -0.12
CG 6NA U . 7.33 -10.26 -1.25
CD 6NA U . 6.13 -10.38 -2.22
C6 6NA U . 6.43 -10.77 -3.67
OXT 6NA U . 10.14 -7.02 1.28
C FMT V . 10.56 -9.30 -18.13
O1 FMT V . 9.46 -8.74 -18.21
O2 FMT V . 11.90 -8.77 -17.93
C FMT W . 14.40 -6.53 -29.55
O1 FMT W . 14.81 -6.86 -28.46
O2 FMT W . 13.37 -7.12 -30.21
CA 6NA X . -7.84 -10.22 0.75
C 6NA X . -9.18 -9.82 1.35
O 6NA X . -10.25 -10.30 0.89
CB 6NA X . -6.82 -9.14 0.44
CG 6NA X . -5.62 -9.65 -0.34
CD 6NA X . -5.11 -8.71 -1.43
C6 6NA X . -3.76 -9.05 -2.05
OXT 6NA X . -9.17 -9.05 2.32
C1 BUA Y . 2.87 -8.45 -6.57
C2 BUA Y . 3.87 -9.58 -6.44
C3 BUA Y . 4.40 -10.08 -7.77
C4 BUA Y . 5.00 -11.47 -7.75
O1 BUA Y . 5.77 -11.78 -6.80
O2 BUA Y . 4.70 -12.26 -8.69
C1 OCA Z . -16.39 -25.37 13.73
C2 OCA Z . -16.72 -23.93 13.36
C3 OCA Z . -15.82 -22.94 14.03
C4 OCA Z . -15.94 -21.53 13.48
C5 OCA Z . -14.79 -20.65 13.88
C6 OCA Z . -15.04 -19.16 13.75
C7 OCA Z . -14.08 -18.21 14.51
C8 OCA Z . -12.69 -18.67 14.97
O1 OCA Z . -17.32 -26.21 13.90
O2 OCA Z . -15.18 -25.67 13.86
C1 OCA AA . -3.38 -14.87 -2.90
C2 OCA AA . -4.58 -15.27 -2.04
C3 OCA AA . -5.05 -14.28 -0.95
C4 OCA AA . -5.89 -14.92 0.17
C5 OCA AA . -6.76 -13.92 0.98
C6 OCA AA . -7.39 -14.41 2.31
C7 OCA AA . -8.70 -13.75 2.83
C8 OCA AA . -9.01 -13.58 4.33
O1 OCA AA . -3.27 -15.31 -4.10
O2 OCA AA . -2.51 -14.16 -2.37
C1 4I1 BA . 0.32 -10.98 -9.47
C2 4I1 BA . 0.56 -12.02 -10.56
C3 4I1 BA . 1.99 -12.23 -11.02
C4 4I1 BA . 2.23 -13.56 -11.75
C5 4I1 BA . 3.73 -13.97 -11.86
O1 4I1 BA . -0.86 -10.73 -9.11
O2 4I1 BA . 1.32 -10.42 -8.98
C6 4I1 BA . 3.87 -15.36 -12.43
C7 4I1 BA . 5.05 -15.87 -12.29
C8 4I1 BA . 6.06 -15.24 -11.38
C9 4I1 BA . 7.32 -14.75 -12.01
C10 4I1 BA . 8.52 -14.94 -11.10
C11 4I1 BA . 8.19 -15.05 -9.65
C12 4I1 BA . 9.35 -15.48 -8.79
C13 4I1 BA . 8.99 -15.84 -7.33
C14 4I1 BA . 8.46 -14.72 -6.45
C15 4I1 BA . 8.23 -15.13 -4.99
C16 4I1 BA . 6.84 -14.85 -4.41
C17 4I1 BA . 6.67 -15.57 -3.07
C18 4I1 BA . 5.40 -15.47 -2.23
C FMT CA . -6.82 -2.86 -9.84
O1 FMT CA . -5.76 -2.72 -9.23
O2 FMT CA . -7.83 -3.87 -9.71
C FMT DA . -14.56 -20.73 -7.57
O1 FMT DA . -14.65 -21.87 -7.98
O2 FMT DA . -14.02 -20.38 -6.36
C FMT EA . -8.56 -22.83 -10.27
O1 FMT EA . -9.76 -22.63 -10.36
O2 FMT EA . -7.90 -23.42 -9.20
C FMT FA . -4.83 0.26 -11.08
O1 FMT FA . -5.37 -0.77 -11.47
O2 FMT FA . -5.31 1.60 -11.18
O1 DAO GA . -3.34 -23.03 8.92
O2 DAO GA . -3.67 -21.10 10.01
C1 DAO GA . -2.92 -21.97 9.44
C2 DAO GA . -1.44 -21.68 9.39
C3 DAO GA . -0.99 -20.30 9.98
C4 DAO GA . 0.53 -20.13 10.06
C5 DAO GA . 0.92 -18.89 10.82
C6 DAO GA . 0.05 -17.69 10.56
C7 DAO GA . 0.47 -16.42 11.26
C8 DAO GA . 0.69 -15.22 10.35
C9 DAO GA . -0.47 -14.25 10.26
C10 DAO GA . -0.35 -13.28 9.09
C11 DAO GA . -1.64 -12.67 8.60
C12 DAO GA . -1.60 -12.29 7.14
CA 6NA HA . -12.72 -21.79 10.01
C 6NA HA . -11.99 -20.49 10.28
O 6NA HA . -10.84 -20.56 10.74
CB 6NA HA . -12.07 -22.97 10.64
CG 6NA HA . -12.54 -23.17 12.07
CD 6NA HA . -13.29 -24.46 12.23
C6 6NA HA . -12.58 -25.66 11.67
OXT 6NA HA . -12.58 -19.41 10.04
CL CL IA . -11.67 -23.87 -0.95
CL CL JA . -9.40 -33.36 -27.27
ZN ZN KA . 1.06 -32.60 -9.93
CA CA LA . 5.11 0.04 -12.34
C1 GOL MA . 2.41 -4.60 -35.19
O1 GOL MA . 2.86 -5.89 -34.77
C2 GOL MA . 1.84 -3.76 -34.06
O2 GOL MA . 0.49 -3.40 -34.39
C3 GOL MA . 1.91 -4.40 -32.69
O3 GOL MA . 3.22 -4.34 -32.13
#